data_8QMD
#
_entry.id   8QMD
#
_cell.length_a   183.544
_cell.length_b   183.544
_cell.length_c   123.668
_cell.angle_alpha   90.000
_cell.angle_beta   90.000
_cell.angle_gamma   120.000
#
_symmetry.space_group_name_H-M   'P 61'
#
loop_
_entity.id
_entity.type
_entity.pdbx_description
1 polymer 'Killer cell lectin-like receptor subfamily F member 1'
2 non-polymer 2-acetamido-2-deoxy-beta-D-glucopyranose
3 water water
#
_entity_poly.entity_id   1
_entity_poly.type   'polypeptide(L)'
_entity_poly.pdbx_seq_one_letter_code
;ITGQGVLLKCQKGSCSNATQYEDTGDLKVNNGTRRNISNKDLSASRSADQTVLCQSEWLKYQGKCYWFSNEMKSWSDSYV
YCLERKSHLLIIHDQLEMAFIQKNLRQLNYVWIGLNFTSLKMTWTWVDGSPIDSKIFFIKGPAKENSCAAIKESKIFSET
CSSVFKWICQYGTHHHHHHHHG
;
_entity_poly.pdbx_strand_id   C,D,A,B,E,F,G,H,I,J
#
# COMPACT_ATOMS: atom_id res chain seq x y z
N THR A 51 -1.92 -20.31 -1.54
CA THR A 51 -2.22 -20.40 -0.08
C THR A 51 -3.38 -19.47 0.35
N VAL A 52 -4.20 -18.84 -0.55
CA VAL A 52 -4.99 -17.64 -0.26
C VAL A 52 -6.52 -17.82 -0.39
N LEU A 53 -7.22 -17.75 0.76
CA LEU A 53 -8.47 -18.39 1.11
C LEU A 53 -9.69 -17.82 0.39
N CYS A 54 -10.71 -18.60 0.06
CA CYS A 54 -11.97 -18.09 -0.47
C CYS A 54 -12.94 -17.76 0.64
N GLN A 55 -13.82 -16.73 0.42
CA GLN A 55 -14.93 -16.37 1.33
C GLN A 55 -15.65 -17.68 1.63
N SER A 56 -16.14 -17.84 2.87
CA SER A 56 -16.68 -19.15 3.19
C SER A 56 -17.86 -19.46 2.27
N GLU A 57 -18.01 -20.73 1.89
CA GLU A 57 -19.04 -21.22 1.00
C GLU A 57 -18.80 -20.80 -0.46
N TRP A 58 -17.61 -20.36 -0.83
CA TRP A 58 -17.23 -20.21 -2.24
C TRP A 58 -16.30 -21.35 -2.62
N LEU A 59 -16.26 -21.72 -3.90
CA LEU A 59 -15.33 -22.71 -4.40
C LEU A 59 -14.10 -22.03 -4.94
N LYS A 60 -12.94 -22.67 -4.71
CA LYS A 60 -11.69 -22.18 -5.24
C LYS A 60 -11.32 -23.06 -6.41
N TYR A 61 -10.86 -22.40 -7.48
CA TYR A 61 -10.29 -23.11 -8.62
C TYR A 61 -9.24 -22.21 -9.27
N GLN A 62 -7.99 -22.70 -9.31
CA GLN A 62 -6.86 -22.00 -9.90
C GLN A 62 -6.85 -20.50 -9.56
N GLY A 63 -6.81 -20.23 -8.25
CA GLY A 63 -6.58 -18.87 -7.76
C GLY A 63 -7.75 -17.91 -7.94
N LYS A 64 -8.89 -18.42 -8.44
CA LYS A 64 -10.14 -17.69 -8.50
C LYS A 64 -11.14 -18.34 -7.55
N CYS A 65 -12.11 -17.55 -7.08
CA CYS A 65 -13.21 -18.03 -6.23
C CYS A 65 -14.54 -17.83 -6.90
N TYR A 66 -15.40 -18.84 -6.75
CA TYR A 66 -16.64 -18.93 -7.50
C TYR A 66 -17.77 -19.07 -6.51
N TRP A 67 -18.88 -18.38 -6.79
CA TRP A 67 -20.13 -18.53 -6.04
C TRP A 67 -21.27 -18.79 -7.02
N PHE A 68 -21.94 -19.93 -6.85
CA PHE A 68 -23.02 -20.39 -7.70
C PHE A 68 -24.34 -20.17 -6.95
N SER A 69 -25.28 -19.43 -7.54
CA SER A 69 -26.46 -18.96 -6.82
C SER A 69 -27.53 -20.04 -6.71
N ASN A 70 -28.43 -19.87 -5.73
CA ASN A 70 -29.61 -20.70 -5.69
C ASN A 70 -30.82 -19.91 -6.16
N GLU A 71 -30.89 -18.64 -5.76
CA GLU A 71 -31.90 -17.70 -6.24
C GLU A 71 -31.63 -17.38 -7.71
N MET A 72 -32.63 -16.76 -8.34
CA MET A 72 -32.56 -16.29 -9.71
C MET A 72 -32.89 -14.79 -9.82
N LYS A 73 -32.30 -14.09 -10.80
CA LYS A 73 -32.56 -12.68 -11.03
C LYS A 73 -32.13 -12.21 -12.41
N SER A 74 -32.53 -10.96 -12.73
CA SER A 74 -32.11 -10.33 -13.98
C SER A 74 -30.60 -10.22 -14.01
N TRP A 75 -30.06 -10.15 -15.22
CA TRP A 75 -28.62 -10.03 -15.39
C TRP A 75 -28.08 -8.85 -14.57
N SER A 76 -28.69 -7.64 -14.71
CA SER A 76 -28.33 -6.46 -13.92
C SER A 76 -28.37 -6.72 -12.42
N ASP A 77 -29.45 -7.35 -11.94
CA ASP A 77 -29.63 -7.61 -10.52
C ASP A 77 -28.55 -8.55 -10.04
N SER A 78 -28.23 -9.56 -10.86
CA SER A 78 -27.18 -10.53 -10.60
C SER A 78 -25.86 -9.81 -10.49
N TYR A 79 -25.56 -9.00 -11.49
CA TYR A 79 -24.34 -8.20 -11.52
C TYR A 79 -24.21 -7.32 -10.27
N VAL A 80 -25.30 -6.72 -9.82
CA VAL A 80 -25.26 -5.91 -8.62
C VAL A 80 -24.85 -6.79 -7.46
N TYR A 81 -25.45 -7.95 -7.37
CA TYR A 81 -25.20 -8.92 -6.31
C TYR A 81 -23.70 -9.23 -6.23
N CYS A 82 -23.08 -9.47 -7.38
CA CYS A 82 -21.65 -9.74 -7.42
C CYS A 82 -20.83 -8.52 -7.01
N LEU A 83 -21.17 -7.35 -7.57
CA LEU A 83 -20.42 -6.13 -7.35
C LEU A 83 -20.43 -5.79 -5.87
N GLU A 84 -21.59 -5.90 -5.24
CA GLU A 84 -21.73 -5.59 -3.81
C GLU A 84 -20.84 -6.48 -2.97
N ARG A 85 -20.56 -7.68 -3.48
CA ARG A 85 -19.75 -8.68 -2.81
C ARG A 85 -18.28 -8.62 -3.26
N LYS A 86 -17.85 -7.49 -3.79
CA LYS A 86 -16.52 -7.22 -4.31
C LYS A 86 -16.13 -8.29 -5.30
N SER A 87 -17.00 -8.69 -6.21
CA SER A 87 -16.69 -9.67 -7.26
C SER A 87 -17.45 -9.31 -8.55
N HIS A 88 -17.44 -10.16 -9.55
CA HIS A 88 -18.16 -9.88 -10.80
C HIS A 88 -18.82 -11.17 -11.32
N LEU A 89 -19.69 -11.04 -12.32
CA LEU A 89 -20.21 -12.18 -13.01
C LEU A 89 -19.07 -12.91 -13.74
N LEU A 90 -19.22 -14.25 -13.80
CA LEU A 90 -18.24 -15.22 -14.21
C LEU A 90 -17.68 -14.87 -15.59
N ILE A 91 -16.36 -14.74 -15.67
CA ILE A 91 -15.62 -14.61 -16.92
C ILE A 91 -14.87 -15.90 -17.14
N ILE A 92 -15.13 -16.58 -18.25
CA ILE A 92 -14.43 -17.79 -18.58
C ILE A 92 -13.19 -17.48 -19.41
N HIS A 93 -12.03 -17.76 -18.80
CA HIS A 93 -10.71 -17.43 -19.33
C HIS A 93 -10.30 -18.45 -20.38
N ASP A 94 -10.63 -19.74 -20.19
CA ASP A 94 -10.14 -20.84 -21.00
C ASP A 94 -11.05 -22.07 -20.88
N GLN A 95 -10.69 -23.09 -21.65
CA GLN A 95 -11.50 -24.29 -21.78
C GLN A 95 -11.52 -25.07 -20.48
N LEU A 96 -10.41 -25.05 -19.76
CA LEU A 96 -10.24 -25.84 -18.54
C LEU A 96 -11.17 -25.29 -17.43
N GLU A 97 -11.27 -23.96 -17.35
CA GLU A 97 -12.18 -23.25 -16.47
C GLU A 97 -13.62 -23.54 -16.86
N MET A 98 -13.87 -23.64 -18.17
CA MET A 98 -15.18 -24.04 -18.67
C MET A 98 -15.61 -25.36 -18.04
N ALA A 99 -14.67 -26.35 -18.11
CA ALA A 99 -14.79 -27.68 -17.55
C ALA A 99 -15.20 -27.64 -16.08
N PHE A 100 -14.48 -26.82 -15.29
CA PHE A 100 -14.73 -26.65 -13.86
C PHE A 100 -16.14 -26.17 -13.61
N ILE A 101 -16.58 -25.11 -14.35
CA ILE A 101 -17.90 -24.54 -14.21
C ILE A 101 -18.95 -25.63 -14.45
N GLN A 102 -18.76 -26.39 -15.53
CA GLN A 102 -19.71 -27.37 -16.00
C GLN A 102 -19.91 -28.47 -14.97
N LYS A 103 -18.83 -28.89 -14.29
CA LYS A 103 -18.88 -29.87 -13.19
C LYS A 103 -19.80 -29.39 -12.07
N ASN A 104 -20.00 -28.06 -11.88
CA ASN A 104 -20.76 -27.56 -10.73
C ASN A 104 -22.16 -27.07 -11.08
N LEU A 105 -22.60 -27.39 -12.30
CA LEU A 105 -23.88 -26.94 -12.81
C LEU A 105 -24.76 -28.14 -13.14
N ARG A 106 -25.98 -28.15 -12.59
CA ARG A 106 -27.09 -28.90 -13.15
C ARG A 106 -27.46 -28.22 -14.47
N GLN A 107 -27.34 -29.02 -15.56
CA GLN A 107 -27.79 -28.66 -16.88
C GLN A 107 -29.31 -28.52 -16.82
N LEU A 108 -29.90 -27.97 -17.89
CA LEU A 108 -31.32 -27.65 -17.95
C LEU A 108 -31.65 -26.55 -16.94
N ASN A 109 -30.72 -25.61 -16.86
CA ASN A 109 -30.80 -24.45 -16.00
C ASN A 109 -29.93 -23.41 -16.66
N TYR A 110 -30.59 -22.30 -17.05
CA TYR A 110 -29.88 -21.13 -17.49
C TYR A 110 -29.19 -20.46 -16.31
N VAL A 111 -27.93 -20.08 -16.56
CA VAL A 111 -27.07 -19.45 -15.58
C VAL A 111 -26.37 -18.25 -16.24
N TRP A 112 -26.69 -17.06 -15.74
CA TRP A 112 -26.10 -15.81 -16.20
C TRP A 112 -24.61 -15.85 -16.00
N ILE A 113 -23.92 -15.33 -17.02
CA ILE A 113 -22.47 -15.16 -16.91
C ILE A 113 -22.08 -13.72 -17.24
N GLY A 114 -20.85 -13.33 -16.98
CA GLY A 114 -20.44 -11.95 -17.19
C GLY A 114 -20.10 -11.61 -18.65
N LEU A 115 -21.09 -11.70 -19.55
CA LEU A 115 -20.87 -11.47 -20.96
C LEU A 115 -22.15 -10.86 -21.51
N ASN A 116 -22.05 -9.83 -22.35
CA ASN A 116 -23.22 -9.16 -22.88
C ASN A 116 -22.93 -8.49 -24.21
N PHE A 117 -24.00 -8.09 -24.90
CA PHE A 117 -23.88 -7.48 -26.21
C PHE A 117 -23.90 -5.96 -26.07
N THR A 118 -22.71 -5.36 -26.26
CA THR A 118 -22.45 -3.93 -26.14
C THR A 118 -23.35 -3.15 -27.08
N SER A 119 -23.11 -3.32 -28.40
CA SER A 119 -23.72 -2.50 -29.44
C SER A 119 -23.27 -1.04 -29.33
N LEU A 120 -22.04 -0.83 -28.87
CA LEU A 120 -21.34 0.38 -29.24
C LEU A 120 -20.17 -0.07 -30.11
N LYS A 121 -19.42 -1.08 -29.62
CA LYS A 121 -18.42 -1.77 -30.42
C LYS A 121 -19.05 -2.94 -31.18
N MET A 122 -20.34 -3.23 -30.88
CA MET A 122 -21.23 -4.06 -31.67
C MET A 122 -20.69 -5.49 -31.74
N THR A 123 -20.06 -5.91 -30.65
CA THR A 123 -19.61 -7.27 -30.42
C THR A 123 -19.96 -7.65 -29.00
N TRP A 124 -19.91 -8.94 -28.70
CA TRP A 124 -20.00 -9.37 -27.32
C TRP A 124 -18.69 -9.07 -26.63
N THR A 125 -18.79 -8.39 -25.49
CA THR A 125 -17.65 -8.23 -24.58
C THR A 125 -17.98 -8.87 -23.22
N TRP A 126 -16.98 -9.52 -22.65
CA TRP A 126 -16.96 -9.90 -21.26
C TRP A 126 -17.00 -8.66 -20.40
N VAL A 127 -17.35 -8.85 -19.15
CA VAL A 127 -17.47 -7.83 -18.13
C VAL A 127 -16.12 -7.21 -17.80
N ASP A 128 -15.03 -7.92 -18.05
CA ASP A 128 -13.62 -7.52 -18.15
C ASP A 128 -13.44 -6.37 -19.11
N GLY A 129 -14.17 -6.38 -20.23
CA GLY A 129 -14.02 -5.42 -21.31
C GLY A 129 -13.31 -6.01 -22.53
N SER A 130 -12.87 -7.26 -22.40
CA SER A 130 -12.22 -7.96 -23.50
C SER A 130 -13.35 -8.59 -24.32
N PRO A 131 -13.31 -8.39 -25.67
CA PRO A 131 -14.27 -9.01 -26.56
C PRO A 131 -14.03 -10.52 -26.67
N ILE A 132 -15.07 -11.26 -27.12
CA ILE A 132 -15.15 -12.70 -27.27
C ILE A 132 -14.13 -13.17 -28.28
N ASP A 133 -13.45 -14.32 -27.96
CA ASP A 133 -12.61 -14.98 -28.95
C ASP A 133 -13.50 -15.99 -29.67
N SER A 134 -13.81 -15.73 -30.98
CA SER A 134 -14.69 -16.57 -31.81
C SER A 134 -14.13 -17.98 -32.06
N LYS A 135 -12.81 -18.16 -31.80
CA LYS A 135 -12.12 -19.43 -31.69
C LYS A 135 -12.57 -20.20 -30.44
N ILE A 136 -12.27 -19.72 -29.23
CA ILE A 136 -12.58 -20.39 -27.96
C ILE A 136 -14.10 -20.56 -27.74
N PHE A 137 -14.93 -19.53 -28.03
CA PHE A 137 -16.35 -19.54 -27.67
C PHE A 137 -17.24 -19.31 -28.89
N PHE A 138 -18.36 -20.06 -28.89
CA PHE A 138 -19.45 -19.76 -29.81
C PHE A 138 -20.70 -19.47 -29.00
N ILE A 139 -21.49 -18.47 -29.41
CA ILE A 139 -22.74 -18.15 -28.77
C ILE A 139 -23.89 -18.46 -29.74
N LYS A 140 -24.86 -19.26 -29.25
CA LYS A 140 -26.11 -19.51 -29.97
C LYS A 140 -27.10 -18.41 -29.61
N GLY A 141 -27.73 -17.81 -30.62
CA GLY A 141 -28.88 -16.94 -30.42
C GLY A 141 -28.65 -15.55 -30.99
N PRO A 142 -29.66 -14.64 -31.00
CA PRO A 142 -29.53 -13.30 -31.60
C PRO A 142 -28.53 -12.36 -30.94
N ALA A 143 -27.84 -11.55 -31.75
CA ALA A 143 -27.01 -10.49 -31.21
C ALA A 143 -27.77 -9.18 -31.31
N LYS A 144 -28.82 -9.02 -30.50
CA LYS A 144 -29.55 -7.77 -30.34
C LYS A 144 -28.92 -6.97 -29.20
N GLU A 145 -29.28 -5.70 -29.06
CA GLU A 145 -29.05 -4.98 -27.82
C GLU A 145 -29.94 -5.56 -26.75
N ASN A 146 -29.52 -5.40 -25.50
CA ASN A 146 -30.15 -6.06 -24.37
C ASN A 146 -30.13 -7.59 -24.57
N SER A 147 -29.01 -8.06 -25.12
CA SER A 147 -28.67 -9.47 -25.10
C SER A 147 -27.50 -9.69 -24.13
N CYS A 148 -27.70 -10.63 -23.21
CA CYS A 148 -26.76 -11.10 -22.22
C CYS A 148 -26.57 -12.61 -22.35
N ALA A 149 -25.41 -13.13 -21.94
CA ALA A 149 -25.06 -14.53 -22.11
C ALA A 149 -25.42 -15.36 -20.89
N ALA A 150 -25.87 -16.61 -21.16
CA ALA A 150 -26.20 -17.58 -20.13
C ALA A 150 -25.73 -18.96 -20.54
N ILE A 151 -25.20 -19.75 -19.58
CA ILE A 151 -24.84 -21.14 -19.80
C ILE A 151 -26.05 -21.97 -19.51
N LYS A 152 -26.29 -22.94 -20.41
CA LYS A 152 -27.34 -23.94 -20.33
C LYS A 152 -26.79 -25.12 -21.07
N GLU A 153 -26.83 -26.30 -20.42
CA GLU A 153 -26.40 -27.54 -21.06
C GLU A 153 -24.97 -27.40 -21.60
N SER A 154 -24.07 -26.64 -20.95
CA SER A 154 -22.72 -26.43 -21.42
C SER A 154 -22.52 -25.70 -22.75
N LYS A 155 -23.57 -25.05 -23.27
CA LYS A 155 -23.48 -24.07 -24.34
C LYS A 155 -23.72 -22.65 -23.81
N ILE A 156 -23.27 -21.65 -24.56
CA ILE A 156 -23.58 -20.27 -24.22
C ILE A 156 -24.69 -19.76 -25.13
N PHE A 157 -25.75 -19.22 -24.52
CA PHE A 157 -26.89 -18.69 -25.21
C PHE A 157 -26.98 -17.18 -25.00
N SER A 158 -27.35 -16.48 -26.09
CA SER A 158 -27.91 -15.15 -25.99
C SER A 158 -29.33 -15.24 -25.45
N GLU A 159 -29.57 -14.52 -24.36
CA GLU A 159 -30.91 -14.30 -23.79
C GLU A 159 -31.14 -12.81 -23.55
N THR A 160 -32.38 -12.41 -23.29
CA THR A 160 -32.63 -11.00 -23.00
C THR A 160 -32.34 -10.72 -21.52
N CYS A 161 -31.93 -9.47 -21.26
CA CYS A 161 -31.21 -9.11 -20.04
C CYS A 161 -32.09 -9.14 -18.81
N SER A 162 -33.39 -9.18 -19.11
CA SER A 162 -34.46 -9.00 -18.15
C SER A 162 -34.98 -10.35 -17.66
N SER A 163 -34.58 -11.45 -18.35
CA SER A 163 -34.96 -12.78 -17.89
C SER A 163 -34.19 -13.17 -16.64
N VAL A 164 -34.75 -14.10 -15.87
CA VAL A 164 -34.47 -14.21 -14.44
C VAL A 164 -33.86 -15.60 -14.15
N PHE A 165 -32.53 -15.66 -14.10
CA PHE A 165 -31.83 -16.92 -14.02
C PHE A 165 -30.97 -16.97 -12.76
N LYS A 166 -30.50 -18.16 -12.39
CA LYS A 166 -29.33 -18.33 -11.53
C LYS A 166 -28.11 -17.65 -12.17
N TRP A 167 -27.09 -17.32 -11.35
CA TRP A 167 -25.87 -16.69 -11.86
C TRP A 167 -24.66 -17.17 -11.07
N ILE A 168 -23.43 -16.86 -11.58
CA ILE A 168 -22.19 -17.19 -10.90
C ILE A 168 -21.38 -15.92 -10.68
N CYS A 169 -20.92 -15.72 -9.43
CA CYS A 169 -19.93 -14.70 -9.07
C CYS A 169 -18.53 -15.27 -9.06
N GLN A 170 -17.55 -14.43 -9.38
CA GLN A 170 -16.15 -14.83 -9.50
C GLN A 170 -15.27 -13.68 -9.00
N TYR A 171 -14.16 -14.00 -8.33
CA TYR A 171 -13.12 -13.01 -8.03
C TYR A 171 -11.76 -13.67 -7.97
N GLY A 172 -10.70 -12.89 -8.26
CA GLY A 172 -9.33 -13.39 -8.38
C GLY A 172 -8.48 -13.01 -7.17
N THR A 173 -7.13 -13.20 -7.19
CA THR A 173 -6.40 -13.03 -5.93
C THR A 173 -5.16 -12.10 -5.90
N THR B 51 -7.89 20.47 -2.71
CA THR B 51 -6.72 19.82 -3.35
C THR B 51 -6.82 18.29 -3.22
N VAL B 52 -7.95 17.73 -3.67
CA VAL B 52 -8.25 16.30 -3.87
C VAL B 52 -9.22 16.14 -5.05
N LEU B 53 -8.74 15.88 -6.28
CA LEU B 53 -9.46 16.15 -7.53
C LEU B 53 -10.63 15.18 -7.81
N CYS B 54 -11.83 15.64 -8.20
CA CYS B 54 -12.88 14.75 -8.67
C CYS B 54 -12.61 14.30 -10.09
N GLN B 55 -13.08 13.06 -10.45
CA GLN B 55 -13.08 12.50 -11.81
C GLN B 55 -13.63 13.61 -12.70
N SER B 56 -13.05 13.75 -13.92
CA SER B 56 -13.45 14.92 -14.69
C SER B 56 -14.95 14.85 -14.96
N GLU B 57 -15.61 16.00 -14.98
CA GLU B 57 -17.03 16.12 -15.22
C GLU B 57 -17.85 15.69 -13.99
N TRP B 58 -17.26 15.55 -12.80
CA TRP B 58 -18.04 15.39 -11.58
C TRP B 58 -18.03 16.70 -10.80
N LEU B 59 -19.07 16.94 -9.99
CA LEU B 59 -19.12 18.10 -9.10
C LEU B 59 -18.60 17.74 -7.72
N LYS B 60 -17.84 18.68 -7.14
CA LYS B 60 -17.33 18.47 -5.81
C LYS B 60 -18.15 19.27 -4.83
N TYR B 61 -18.54 18.62 -3.73
CA TYR B 61 -19.30 19.29 -2.67
C TYR B 61 -18.94 18.65 -1.34
N GLN B 62 -18.35 19.44 -0.42
CA GLN B 62 -17.98 18.96 0.92
C GLN B 62 -17.17 17.66 0.80
N GLY B 63 -16.11 17.61 -0.03
CA GLY B 63 -15.23 16.46 -0.07
C GLY B 63 -15.82 15.16 -0.62
N LYS B 64 -17.04 15.24 -1.16
CA LYS B 64 -17.69 14.19 -1.94
C LYS B 64 -17.77 14.65 -3.39
N CYS B 65 -17.83 13.67 -4.31
CA CYS B 65 -18.02 13.96 -5.73
C CYS B 65 -19.31 13.35 -6.24
N TYR B 66 -19.99 14.13 -7.09
CA TYR B 66 -21.34 13.80 -7.50
C TYR B 66 -21.36 13.77 -9.00
N TRP B 67 -22.12 12.81 -9.54
CA TRP B 67 -22.42 12.73 -10.95
C TRP B 67 -23.93 12.60 -11.17
N PHE B 68 -24.50 13.55 -11.93
CA PHE B 68 -25.92 13.60 -12.22
C PHE B 68 -26.15 13.14 -13.64
N SER B 69 -27.03 12.13 -13.85
CA SER B 69 -27.10 11.48 -15.15
C SER B 69 -27.98 12.27 -16.10
N ASN B 70 -27.78 12.04 -17.40
CA ASN B 70 -28.70 12.55 -18.40
C ASN B 70 -29.54 11.40 -18.91
N GLU B 71 -28.94 10.22 -19.12
CA GLU B 71 -29.64 8.99 -19.45
C GLU B 71 -30.50 8.55 -18.24
N MET B 72 -31.42 7.61 -18.50
CA MET B 72 -32.28 7.01 -17.50
C MET B 72 -32.17 5.48 -17.53
N LYS B 73 -32.35 4.83 -16.37
CA LYS B 73 -32.32 3.37 -16.25
C LYS B 73 -32.98 2.86 -14.98
N SER B 74 -33.15 1.53 -14.92
CA SER B 74 -33.69 0.88 -13.73
C SER B 74 -32.76 1.15 -12.55
N TRP B 75 -33.32 1.08 -11.36
CA TRP B 75 -32.53 1.30 -10.14
C TRP B 75 -31.30 0.40 -10.15
N SER B 76 -31.48 -0.93 -10.37
CA SER B 76 -30.36 -1.89 -10.48
C SER B 76 -29.34 -1.47 -11.53
N ASP B 77 -29.79 -1.09 -12.72
CA ASP B 77 -28.91 -0.70 -13.80
C ASP B 77 -28.12 0.55 -13.42
N SER B 78 -28.79 1.49 -12.75
CA SER B 78 -28.19 2.72 -12.25
C SER B 78 -27.12 2.38 -11.24
N TYR B 79 -27.48 1.52 -10.28
CA TYR B 79 -26.55 1.06 -9.25
C TYR B 79 -25.30 0.40 -9.88
N VAL B 80 -25.50 -0.40 -10.93
CA VAL B 80 -24.37 -1.01 -11.60
C VAL B 80 -23.47 0.07 -12.13
N TYR B 81 -24.07 1.08 -12.77
CA TYR B 81 -23.38 2.19 -13.38
C TYR B 81 -22.46 2.84 -12.38
N CYS B 82 -22.99 3.10 -11.18
CA CYS B 82 -22.20 3.73 -10.14
C CYS B 82 -21.09 2.82 -9.66
N LEU B 83 -21.42 1.54 -9.40
CA LEU B 83 -20.47 0.59 -8.84
C LEU B 83 -19.29 0.43 -9.78
N GLU B 84 -19.56 0.30 -11.07
CA GLU B 84 -18.52 0.14 -12.06
C GLU B 84 -17.59 1.33 -12.11
N ARG B 85 -18.09 2.50 -11.68
CA ARG B 85 -17.33 3.73 -11.65
C ARG B 85 -16.76 4.00 -10.26
N LYS B 86 -16.58 2.96 -9.46
CA LYS B 86 -16.05 3.02 -8.10
C LYS B 86 -16.84 4.06 -7.29
N SER B 87 -18.16 4.06 -7.36
CA SER B 87 -19.00 4.95 -6.57
C SER B 87 -20.32 4.27 -6.23
N HIS B 88 -21.31 4.99 -5.67
CA HIS B 88 -22.60 4.39 -5.39
C HIS B 88 -23.72 5.40 -5.67
N LEU B 89 -24.98 4.92 -5.66
CA LEU B 89 -26.11 5.80 -5.71
C LEU B 89 -26.14 6.69 -4.48
N LEU B 90 -26.62 7.92 -4.69
CA LEU B 90 -26.51 9.05 -3.79
C LEU B 90 -27.10 8.69 -2.42
N ILE B 91 -26.30 8.88 -1.37
CA ILE B 91 -26.73 8.80 0.02
C ILE B 91 -26.76 10.23 0.57
N ILE B 92 -27.92 10.67 1.03
CA ILE B 92 -28.02 12.01 1.58
C ILE B 92 -27.77 11.96 3.08
N HIS B 93 -26.67 12.62 3.48
CA HIS B 93 -26.17 12.60 4.86
C HIS B 93 -26.97 13.57 5.75
N ASP B 94 -27.36 14.73 5.20
CA ASP B 94 -27.97 15.83 5.94
C ASP B 94 -28.75 16.77 5.02
N GLN B 95 -29.37 17.76 5.65
CA GLN B 95 -30.26 18.70 5.00
C GLN B 95 -29.51 19.58 4.03
N LEU B 96 -28.26 19.94 4.38
CA LEU B 96 -27.46 20.87 3.60
C LEU B 96 -27.06 20.23 2.26
N GLU B 97 -26.70 18.92 2.31
CA GLU B 97 -26.42 18.10 1.16
C GLU B 97 -27.67 17.96 0.30
N MET B 98 -28.83 17.84 0.95
CA MET B 98 -30.11 17.82 0.24
C MET B 98 -30.24 19.06 -0.64
N ALA B 99 -29.98 20.24 -0.04
CA ALA B 99 -29.95 21.55 -0.69
C ALA B 99 -29.08 21.55 -1.96
N PHE B 100 -27.85 21.03 -1.84
CA PHE B 100 -26.89 20.96 -2.93
C PHE B 100 -27.47 20.14 -4.09
N ILE B 101 -28.02 18.95 -3.78
CA ILE B 101 -28.61 18.04 -4.75
C ILE B 101 -29.72 18.78 -5.52
N GLN B 102 -30.59 19.46 -4.77
CA GLN B 102 -31.77 20.12 -5.29
C GLN B 102 -31.41 21.21 -6.27
N LYS B 103 -30.33 21.97 -6.02
CA LYS B 103 -29.80 22.98 -6.94
C LYS B 103 -29.44 22.35 -8.30
N ASN B 104 -29.11 21.04 -8.38
CA ASN B 104 -28.63 20.45 -9.64
C ASN B 104 -29.68 19.58 -10.33
N LEU B 105 -30.92 19.64 -9.85
CA LEU B 105 -31.99 18.77 -10.32
C LEU B 105 -33.13 19.62 -10.88
N ARG B 106 -33.58 19.22 -12.09
CA ARG B 106 -34.90 19.55 -12.57
C ARG B 106 -35.90 18.80 -11.68
N GLN B 107 -36.83 19.55 -11.07
CA GLN B 107 -38.16 19.04 -10.73
C GLN B 107 -38.80 18.49 -12.01
N LEU B 108 -39.92 17.76 -11.87
CA LEU B 108 -40.62 17.12 -12.96
C LEU B 108 -39.75 16.02 -13.56
N ASN B 109 -38.98 15.35 -12.71
CA ASN B 109 -38.01 14.36 -13.08
C ASN B 109 -37.78 13.56 -11.83
N TYR B 110 -38.19 12.29 -11.91
CA TYR B 110 -37.76 11.29 -10.93
C TYR B 110 -36.28 10.98 -11.10
N VAL B 111 -35.56 11.01 -9.97
CA VAL B 111 -34.14 10.74 -9.91
C VAL B 111 -33.85 9.73 -8.79
N TRP B 112 -33.39 8.54 -9.24
CA TRP B 112 -33.05 7.44 -8.36
C TRP B 112 -31.98 7.88 -7.37
N ILE B 113 -32.18 7.43 -6.14
CA ILE B 113 -31.16 7.63 -5.13
C ILE B 113 -30.80 6.29 -4.46
N GLY B 114 -29.73 6.24 -3.67
CA GLY B 114 -29.28 4.97 -3.07
C GLY B 114 -30.07 4.57 -1.82
N LEU B 115 -31.38 4.36 -1.96
CA LEU B 115 -32.25 4.05 -0.85
C LEU B 115 -33.31 3.08 -1.35
N ASN B 116 -33.58 2.02 -0.59
CA ASN B 116 -34.52 1.02 -1.07
C ASN B 116 -35.13 0.28 0.12
N PHE B 117 -36.20 -0.50 -0.18
CA PHE B 117 -36.91 -1.20 0.86
C PHE B 117 -36.39 -2.61 1.00
N THR B 118 -35.64 -2.87 2.09
CA THR B 118 -35.02 -4.15 2.39
C THR B 118 -36.06 -5.25 2.51
N SER B 119 -36.93 -5.17 3.53
CA SER B 119 -37.84 -6.25 3.90
C SER B 119 -37.08 -7.49 4.38
N LEU B 120 -35.96 -7.24 5.02
CA LEU B 120 -35.40 -8.24 5.92
C LEU B 120 -35.50 -7.61 7.32
N LYS B 121 -34.97 -6.39 7.44
CA LYS B 121 -35.16 -5.54 8.61
C LYS B 121 -36.43 -4.70 8.45
N MET B 122 -37.05 -4.76 7.26
CA MET B 122 -38.42 -4.35 6.98
C MET B 122 -38.57 -2.85 7.20
N THR B 123 -37.49 -2.12 6.92
CA THR B 123 -37.43 -0.66 6.89
C THR B 123 -36.65 -0.26 5.65
N TRP B 124 -36.74 1.01 5.29
CA TRP B 124 -35.88 1.53 4.26
C TRP B 124 -34.47 1.67 4.83
N THR B 125 -33.51 1.12 4.10
CA THR B 125 -32.10 1.34 4.38
C THR B 125 -31.46 1.99 3.15
N TRP B 126 -30.53 2.91 3.44
CA TRP B 126 -29.59 3.42 2.46
C TRP B 126 -28.71 2.27 2.00
N VAL B 127 -28.07 2.50 0.88
CA VAL B 127 -27.16 1.59 0.22
C VAL B 127 -25.91 1.34 1.07
N ASP B 128 -25.56 2.28 1.98
CA ASP B 128 -24.69 2.18 3.15
C ASP B 128 -24.97 0.95 4.00
N GLY B 129 -26.26 0.67 4.22
CA GLY B 129 -26.74 -0.29 5.21
C GLY B 129 -27.30 0.38 6.47
N SER B 130 -27.19 1.71 6.53
CA SER B 130 -27.76 2.45 7.64
C SER B 130 -29.22 2.72 7.33
N PRO B 131 -30.13 2.42 8.29
CA PRO B 131 -31.55 2.68 8.09
C PRO B 131 -31.83 4.17 8.14
N ILE B 132 -32.95 4.59 7.52
CA ILE B 132 -33.29 5.98 7.31
C ILE B 132 -33.73 6.58 8.63
N ASP B 133 -33.40 7.89 8.82
CA ASP B 133 -33.91 8.65 9.96
C ASP B 133 -35.28 9.22 9.62
N SER B 134 -36.36 8.69 10.24
CA SER B 134 -37.76 9.08 10.05
C SER B 134 -38.04 10.52 10.48
N LYS B 135 -37.13 11.11 11.27
CA LYS B 135 -37.03 12.53 11.57
C LYS B 135 -36.62 13.33 10.34
N ILE B 136 -35.38 13.16 9.84
CA ILE B 136 -34.82 13.91 8.72
C ILE B 136 -35.62 13.68 7.41
N PHE B 137 -36.03 12.44 7.10
CA PHE B 137 -36.63 12.09 5.80
C PHE B 137 -38.00 11.45 5.98
N PHE B 138 -38.94 11.83 5.11
CA PHE B 138 -40.20 11.14 4.98
C PHE B 138 -40.33 10.67 3.53
N ILE B 139 -40.82 9.42 3.35
CA ILE B 139 -41.01 8.87 2.01
C ILE B 139 -42.50 8.69 1.74
N LYS B 140 -42.96 9.29 0.63
CA LYS B 140 -44.33 9.14 0.16
C LYS B 140 -44.41 7.90 -0.71
N GLY B 141 -45.41 7.05 -0.45
CA GLY B 141 -45.71 5.91 -1.30
C GLY B 141 -45.58 4.59 -0.53
N PRO B 142 -45.94 3.42 -1.13
CA PRO B 142 -45.91 2.13 -0.43
C PRO B 142 -44.51 1.64 -0.05
N ALA B 143 -44.42 0.98 1.11
CA ALA B 143 -43.23 0.25 1.48
C ALA B 143 -43.43 -1.23 1.14
N LYS B 144 -43.48 -1.56 -0.16
CA LYS B 144 -43.43 -2.94 -0.64
C LYS B 144 -41.99 -3.36 -0.84
N GLU B 145 -41.74 -4.64 -1.07
CA GLU B 145 -40.46 -5.07 -1.64
C GLU B 145 -40.47 -4.64 -3.10
N ASN B 146 -39.29 -4.50 -3.68
CA ASN B 146 -39.11 -3.92 -5.00
C ASN B 146 -39.64 -2.48 -4.99
N SER B 147 -39.48 -1.79 -3.85
CA SER B 147 -39.62 -0.36 -3.75
C SER B 147 -38.24 0.24 -3.53
N CYS B 148 -37.92 1.22 -4.39
CA CYS B 148 -36.72 2.03 -4.38
C CYS B 148 -37.11 3.51 -4.32
N ALA B 149 -36.24 4.36 -3.80
CA ALA B 149 -36.54 5.76 -3.58
C ALA B 149 -36.04 6.61 -4.75
N ALA B 150 -36.84 7.67 -5.04
CA ALA B 150 -36.50 8.65 -6.06
C ALA B 150 -36.87 10.03 -5.58
N ILE B 151 -36.05 11.06 -5.93
CA ILE B 151 -36.39 12.46 -5.66
C ILE B 151 -37.16 12.97 -6.88
N LYS B 152 -38.24 13.70 -6.59
CA LYS B 152 -39.13 14.36 -7.53
C LYS B 152 -39.75 15.49 -6.74
N GLU B 153 -39.74 16.71 -7.29
CA GLU B 153 -40.30 17.89 -6.66
C GLU B 153 -39.73 18.09 -5.27
N SER B 154 -38.49 17.71 -4.91
CA SER B 154 -38.03 17.86 -3.54
C SER B 154 -38.66 16.98 -2.46
N LYS B 155 -39.45 15.99 -2.87
CA LYS B 155 -39.88 14.89 -2.00
C LYS B 155 -39.15 13.60 -2.38
N ILE B 156 -39.16 12.65 -1.45
CA ILE B 156 -38.71 11.31 -1.77
C ILE B 156 -39.93 10.41 -1.96
N PHE B 157 -39.98 9.73 -3.09
CA PHE B 157 -41.07 8.84 -3.45
C PHE B 157 -40.58 7.40 -3.53
N SER B 158 -41.43 6.50 -3.01
CA SER B 158 -41.32 5.09 -3.30
C SER B 158 -41.82 4.86 -4.72
N GLU B 159 -40.96 4.27 -5.54
CA GLU B 159 -41.28 3.82 -6.88
C GLU B 159 -40.79 2.39 -7.07
N THR B 160 -41.28 1.72 -8.11
CA THR B 160 -40.86 0.32 -8.30
C THR B 160 -39.52 0.29 -9.03
N CYS B 161 -38.73 -0.74 -8.73
CA CYS B 161 -37.29 -0.73 -8.96
C CYS B 161 -36.93 -0.83 -10.43
N SER B 162 -37.97 -1.17 -11.21
CA SER B 162 -37.84 -1.50 -12.62
C SER B 162 -38.16 -0.29 -13.49
N SER B 163 -38.74 0.77 -12.89
CA SER B 163 -38.96 2.02 -13.62
C SER B 163 -37.64 2.76 -13.86
N VAL B 164 -37.62 3.59 -14.89
CA VAL B 164 -36.42 3.95 -15.61
C VAL B 164 -36.19 5.47 -15.53
N PHE B 165 -35.37 5.87 -14.56
CA PHE B 165 -35.22 7.26 -14.24
C PHE B 165 -33.76 7.68 -14.40
N LYS B 166 -33.50 8.99 -14.43
CA LYS B 166 -32.18 9.54 -14.13
C LYS B 166 -31.76 9.12 -12.73
N TRP B 167 -30.44 9.16 -12.46
CA TRP B 167 -29.90 8.82 -11.14
C TRP B 167 -28.69 9.70 -10.81
N ILE B 168 -28.25 9.67 -9.55
CA ILE B 168 -27.04 10.38 -9.13
C ILE B 168 -26.03 9.40 -8.52
N CYS B 169 -24.77 9.46 -8.99
CA CYS B 169 -23.63 8.77 -8.38
C CYS B 169 -22.89 9.68 -7.39
N GLN B 170 -22.28 9.07 -6.37
CA GLN B 170 -21.58 9.79 -5.31
C GLN B 170 -20.38 8.97 -4.84
N TYR B 171 -19.27 9.64 -4.50
CA TYR B 171 -18.16 9.00 -3.80
C TYR B 171 -17.38 9.99 -2.94
N GLY B 172 -16.55 9.48 -2.00
CA GLY B 172 -15.78 10.28 -1.04
C GLY B 172 -14.25 10.32 -1.18
N THR C 51 -20.70 7.85 2.46
CA THR C 51 -19.50 7.43 3.25
C THR C 51 -18.86 6.16 2.60
N VAL C 52 -19.14 4.98 3.17
CA VAL C 52 -18.29 3.78 3.22
C VAL C 52 -19.17 2.52 3.41
N LEU C 53 -19.40 1.77 2.33
CA LEU C 53 -20.52 0.83 2.16
C LEU C 53 -20.38 -0.45 3.01
N CYS C 54 -21.36 -0.91 3.79
CA CYS C 54 -21.26 -2.20 4.48
C CYS C 54 -21.57 -3.33 3.51
N GLN C 55 -21.00 -4.55 3.76
CA GLN C 55 -21.31 -5.80 3.04
C GLN C 55 -22.84 -5.90 2.97
N SER C 56 -23.39 -6.38 1.85
CA SER C 56 -24.84 -6.28 1.77
C SER C 56 -25.49 -7.10 2.87
N GLU C 57 -26.60 -6.64 3.40
CA GLU C 57 -27.37 -7.27 4.47
C GLU C 57 -26.68 -7.05 5.82
N TRP C 58 -25.72 -6.12 5.93
CA TRP C 58 -25.24 -5.72 7.24
C TRP C 58 -25.87 -4.37 7.64
N LEU C 59 -26.04 -4.10 8.95
CA LEU C 59 -26.44 -2.79 9.42
C LEU C 59 -25.21 -1.91 9.70
N LYS C 60 -25.36 -0.62 9.35
CA LYS C 60 -24.31 0.32 9.70
C LYS C 60 -24.74 1.13 10.91
N TYR C 61 -23.83 1.27 11.88
CA TYR C 61 -24.05 2.14 13.04
C TYR C 61 -22.71 2.74 13.44
N GLN C 62 -22.63 4.09 13.37
CA GLN C 62 -21.43 4.84 13.63
C GLN C 62 -20.46 4.27 12.60
N GLY C 63 -19.21 4.02 12.92
CA GLY C 63 -18.28 3.64 11.85
C GLY C 63 -18.41 2.16 11.41
N LYS C 64 -19.30 1.41 12.09
CA LYS C 64 -19.17 -0.04 12.25
C LYS C 64 -20.33 -0.72 11.52
N CYS C 65 -20.10 -1.96 11.08
CA CYS C 65 -21.12 -2.79 10.45
C CYS C 65 -21.39 -4.02 11.29
N TYR C 66 -22.67 -4.36 11.39
CA TYR C 66 -23.14 -5.38 12.30
C TYR C 66 -23.90 -6.40 11.47
N TRP C 67 -23.73 -7.67 11.82
CA TRP C 67 -24.49 -8.77 11.27
C TRP C 67 -25.06 -9.61 12.41
N PHE C 68 -26.38 -9.72 12.46
CA PHE C 68 -27.10 -10.46 13.51
C PHE C 68 -27.59 -11.78 12.94
N SER C 69 -27.22 -12.90 13.55
CA SER C 69 -27.39 -14.20 12.89
C SER C 69 -28.80 -14.69 13.09
N ASN C 70 -29.21 -15.60 12.18
CA ASN C 70 -30.46 -16.29 12.36
C ASN C 70 -30.17 -17.70 12.84
N GLU C 71 -29.13 -18.33 12.26
CA GLU C 71 -28.62 -19.63 12.71
C GLU C 71 -27.99 -19.50 14.09
N MET C 72 -27.77 -20.65 14.74
CA MET C 72 -27.14 -20.72 16.06
C MET C 72 -25.93 -21.67 16.03
N LYS C 73 -24.91 -21.41 16.85
CA LYS C 73 -23.73 -22.27 16.94
C LYS C 73 -22.93 -22.03 18.21
N SER C 74 -21.95 -22.93 18.44
CA SER C 74 -21.02 -22.78 19.54
C SER C 74 -20.26 -21.46 19.40
N TRP C 75 -19.80 -20.93 20.52
CA TRP C 75 -19.05 -19.69 20.54
C TRP C 75 -17.89 -19.75 19.54
N SER C 76 -17.05 -20.80 19.61
CA SER C 76 -15.96 -21.04 18.67
C SER C 76 -16.44 -21.05 17.21
N ASP C 77 -17.53 -21.76 16.93
CA ASP C 77 -18.06 -21.87 15.58
C ASP C 77 -18.52 -20.50 15.08
N SER C 78 -19.14 -19.73 15.98
CA SER C 78 -19.60 -18.36 15.73
C SER C 78 -18.38 -17.51 15.38
N TYR C 79 -17.37 -17.59 16.25
CA TYR C 79 -16.14 -16.86 16.06
C TYR C 79 -15.49 -17.17 14.70
N VAL C 80 -15.51 -18.45 14.31
CA VAL C 80 -14.97 -18.83 13.02
C VAL C 80 -15.71 -18.10 11.93
N TYR C 81 -17.05 -18.10 12.06
CA TYR C 81 -17.94 -17.51 11.09
C TYR C 81 -17.57 -16.04 10.86
N CYS C 82 -17.36 -15.31 11.98
CA CYS C 82 -16.99 -13.92 11.88
C CYS C 82 -15.63 -13.74 11.24
N LEU C 83 -14.64 -14.52 11.71
CA LEU C 83 -13.27 -14.38 11.29
C LEU C 83 -13.18 -14.59 9.79
N GLU C 84 -13.84 -15.65 9.29
CA GLU C 84 -13.79 -15.98 7.88
C GLU C 84 -14.33 -14.83 7.04
N ARG C 85 -15.24 -14.05 7.62
CA ARG C 85 -15.88 -12.94 6.95
C ARG C 85 -15.19 -11.61 7.25
N LYS C 86 -13.89 -11.66 7.59
CA LYS C 86 -13.06 -10.53 7.91
C LYS C 86 -13.76 -9.65 8.96
N SER C 87 -14.31 -10.24 10.03
CA SER C 87 -14.93 -9.48 11.11
C SER C 87 -14.73 -10.22 12.42
N HIS C 88 -15.37 -9.78 13.52
CA HIS C 88 -15.22 -10.48 14.80
C HIS C 88 -16.54 -10.47 15.54
N LEU C 89 -16.61 -11.28 16.63
CA LEU C 89 -17.77 -11.21 17.50
C LEU C 89 -17.84 -9.83 18.15
N LEU C 90 -19.08 -9.37 18.38
CA LEU C 90 -19.45 -8.01 18.73
C LEU C 90 -18.73 -7.61 20.01
N ILE C 91 -18.05 -6.47 19.94
CA ILE C 91 -17.45 -5.81 21.10
C ILE C 91 -18.26 -4.55 21.37
N ILE C 92 -18.82 -4.45 22.57
CA ILE C 92 -19.60 -3.25 22.91
C ILE C 92 -18.69 -2.21 23.55
N HIS C 93 -18.53 -1.08 22.85
CA HIS C 93 -17.58 -0.03 23.19
C HIS C 93 -18.13 0.86 24.30
N ASP C 94 -19.46 1.12 24.28
CA ASP C 94 -20.10 2.09 25.15
C ASP C 94 -21.61 1.85 25.27
N GLN C 95 -22.25 2.68 26.09
CA GLN C 95 -23.66 2.57 26.41
C GLN C 95 -24.53 2.84 25.19
N LEU C 96 -24.10 3.76 24.33
CA LEU C 96 -24.88 4.16 23.17
C LEU C 96 -24.98 3.01 22.15
N GLU C 97 -23.85 2.31 21.96
CA GLU C 97 -23.75 1.11 21.14
C GLU C 97 -24.58 -0.01 21.76
N MET C 98 -24.62 -0.09 23.08
CA MET C 98 -25.48 -1.02 23.80
C MET C 98 -26.94 -0.82 23.38
N ALA C 99 -27.39 0.45 23.38
CA ALA C 99 -28.70 0.92 22.94
C ALA C 99 -29.04 0.40 21.54
N PHE C 100 -28.09 0.58 20.60
CA PHE C 100 -28.22 0.15 19.23
C PHE C 100 -28.47 -1.35 19.15
N ILE C 101 -27.63 -2.14 19.85
CA ILE C 101 -27.73 -3.59 19.91
C ILE C 101 -29.12 -4.00 20.41
N GLN C 102 -29.57 -3.36 21.48
CA GLN C 102 -30.82 -3.70 22.15
C GLN C 102 -32.02 -3.49 21.24
N LYS C 103 -32.00 -2.41 20.42
CA LYS C 103 -33.04 -2.16 19.44
C LYS C 103 -33.15 -3.29 18.41
N ASN C 104 -32.07 -4.05 18.16
CA ASN C 104 -32.07 -5.07 17.11
C ASN C 104 -32.19 -6.49 17.63
N LEU C 105 -32.54 -6.65 18.93
CA LEU C 105 -32.51 -7.97 19.55
C LEU C 105 -33.87 -8.59 19.89
N ARG C 106 -34.17 -9.69 19.19
CA ARG C 106 -35.33 -10.52 19.41
C ARG C 106 -35.15 -11.21 20.77
N GLN C 107 -36.10 -10.90 21.66
CA GLN C 107 -35.95 -11.12 23.08
C GLN C 107 -36.06 -12.62 23.32
N LEU C 108 -35.69 -13.06 24.54
CA LEU C 108 -35.74 -14.45 24.97
C LEU C 108 -34.80 -15.30 24.11
N ASN C 109 -33.63 -14.72 23.85
CA ASN C 109 -32.63 -15.36 23.03
C ASN C 109 -31.27 -14.96 23.55
N TYR C 110 -30.48 -15.97 23.90
CA TYR C 110 -29.04 -15.83 24.12
C TYR C 110 -28.37 -15.56 22.77
N VAL C 111 -27.51 -14.56 22.80
CA VAL C 111 -26.72 -14.12 21.66
C VAL C 111 -25.27 -13.97 22.09
N TRP C 112 -24.42 -14.82 21.49
CA TRP C 112 -23.00 -14.82 21.72
C TRP C 112 -22.43 -13.47 21.34
N ILE C 113 -21.52 -12.99 22.18
CA ILE C 113 -20.84 -11.72 22.00
C ILE C 113 -19.32 -11.99 22.08
N GLY C 114 -18.51 -11.06 21.60
CA GLY C 114 -17.06 -11.28 21.62
C GLY C 114 -16.38 -11.11 22.98
N LEU C 115 -16.75 -11.89 23.99
CA LEU C 115 -16.27 -11.71 25.36
C LEU C 115 -16.18 -13.10 25.99
N ASN C 116 -15.08 -13.39 26.68
CA ASN C 116 -14.88 -14.72 27.23
C ASN C 116 -13.93 -14.68 28.41
N PHE C 117 -13.89 -15.79 29.15
CA PHE C 117 -13.06 -15.86 30.34
C PHE C 117 -11.71 -16.50 30.00
N THR C 118 -10.67 -15.66 29.98
CA THR C 118 -9.29 -15.99 29.63
C THR C 118 -8.77 -17.07 30.55
N SER C 119 -8.62 -16.75 31.85
CA SER C 119 -7.95 -17.59 32.83
C SER C 119 -6.46 -17.75 32.51
N LEU C 120 -5.88 -16.73 31.89
CA LEU C 120 -4.45 -16.53 32.02
C LEU C 120 -4.26 -15.23 32.81
N LYS C 121 -4.99 -14.19 32.40
CA LYS C 121 -5.12 -12.97 33.17
C LYS C 121 -6.28 -13.08 34.19
N MET C 122 -7.08 -14.17 34.06
CA MET C 122 -8.06 -14.64 35.02
C MET C 122 -9.14 -13.58 35.24
N THR C 123 -9.44 -12.86 34.15
CA THR C 123 -10.55 -11.91 34.07
C THR C 123 -11.23 -12.13 32.73
N TRP C 124 -12.42 -11.57 32.58
CA TRP C 124 -13.04 -11.53 31.27
C TRP C 124 -12.33 -10.47 30.43
N THR C 125 -11.91 -10.88 29.23
CA THR C 125 -11.46 -9.96 28.19
C THR C 125 -12.36 -10.09 26.95
N TRP C 126 -12.61 -8.94 26.32
CA TRP C 126 -13.15 -8.85 24.97
C TRP C 126 -12.15 -9.50 24.02
N VAL C 127 -12.65 -9.81 22.85
CA VAL C 127 -11.95 -10.43 21.75
C VAL C 127 -10.86 -9.52 21.20
N ASP C 128 -10.99 -8.19 21.39
CA ASP C 128 -9.97 -7.15 21.28
C ASP C 128 -8.70 -7.49 22.05
N GLY C 129 -8.87 -8.05 23.27
CA GLY C 129 -7.82 -8.18 24.27
C GLY C 129 -7.93 -7.14 25.40
N SER C 130 -8.88 -6.21 25.27
CA SER C 130 -9.14 -5.26 26.34
C SER C 130 -10.06 -5.92 27.36
N PRO C 131 -9.71 -5.86 28.67
CA PRO C 131 -10.55 -6.42 29.73
C PRO C 131 -11.81 -5.60 29.94
N ILE C 132 -12.85 -6.15 30.58
CA ILE C 132 -14.13 -5.44 30.71
C ILE C 132 -14.01 -4.34 31.77
N ASP C 133 -14.78 -3.26 31.55
CA ASP C 133 -15.00 -2.23 32.56
C ASP C 133 -16.13 -2.63 33.51
N SER C 134 -15.78 -2.94 34.76
CA SER C 134 -16.67 -3.39 35.84
C SER C 134 -17.71 -2.32 36.23
N LYS C 135 -17.45 -1.05 35.85
CA LYS C 135 -18.40 0.05 35.87
C LYS C 135 -19.50 -0.14 34.83
N ILE C 136 -19.16 -0.12 33.52
CA ILE C 136 -20.14 -0.21 32.43
C ILE C 136 -20.90 -1.55 32.44
N PHE C 137 -20.22 -2.70 32.67
CA PHE C 137 -20.81 -4.03 32.47
C PHE C 137 -20.66 -4.87 33.73
N PHE C 138 -21.70 -5.63 34.06
CA PHE C 138 -21.66 -6.67 35.09
C PHE C 138 -22.14 -7.96 34.44
N ILE C 139 -21.53 -9.10 34.80
CA ILE C 139 -21.87 -10.40 34.21
C ILE C 139 -22.51 -11.30 35.27
N LYS C 140 -23.70 -11.85 34.97
CA LYS C 140 -24.33 -12.86 35.80
C LYS C 140 -23.81 -14.24 35.40
N GLY C 141 -23.39 -15.03 36.41
CA GLY C 141 -23.02 -16.42 36.19
C GLY C 141 -21.56 -16.70 36.54
N PRO C 142 -21.12 -17.99 36.54
CA PRO C 142 -19.75 -18.36 36.96
C PRO C 142 -18.62 -17.85 36.06
N ALA C 143 -17.49 -17.50 36.67
CA ALA C 143 -16.28 -17.22 35.92
C ALA C 143 -15.38 -18.47 35.93
N LYS C 144 -15.82 -19.52 35.25
CA LYS C 144 -15.02 -20.71 34.98
C LYS C 144 -14.24 -20.52 33.68
N GLU C 145 -13.29 -21.42 33.40
CA GLU C 145 -12.76 -21.55 32.04
C GLU C 145 -13.83 -22.19 31.20
N ASN C 146 -13.76 -21.93 29.89
CA ASN C 146 -14.82 -22.29 28.96
C ASN C 146 -16.14 -21.62 29.37
N SER C 147 -16.00 -20.39 29.86
CA SER C 147 -17.11 -19.46 30.00
C SER C 147 -16.93 -18.36 28.96
N CYS C 148 -18.02 -18.16 28.20
CA CYS C 148 -18.17 -17.13 27.19
C CYS C 148 -19.43 -16.33 27.50
N ALA C 149 -19.47 -15.09 27.01
CA ALA C 149 -20.57 -14.19 27.35
C ALA C 149 -21.65 -14.22 26.26
N ALA C 150 -22.90 -14.09 26.72
CA ALA C 150 -24.05 -13.97 25.84
C ALA C 150 -25.00 -12.88 26.36
N ILE C 151 -25.62 -12.12 25.43
CA ILE C 151 -26.64 -11.15 25.79
C ILE C 151 -27.98 -11.84 25.71
N LYS C 152 -28.81 -11.59 26.73
CA LYS C 152 -30.12 -12.18 26.93
C LYS C 152 -30.87 -11.15 27.79
N GLU C 153 -32.09 -10.83 27.33
CA GLU C 153 -32.77 -9.57 27.66
C GLU C 153 -31.78 -8.44 27.45
N SER C 154 -31.47 -7.73 28.51
CA SER C 154 -30.46 -6.70 28.39
C SER C 154 -29.28 -6.94 29.35
N LYS C 155 -29.06 -8.22 29.70
CA LYS C 155 -28.00 -8.60 30.63
C LYS C 155 -26.93 -9.40 29.90
N ILE C 156 -25.74 -9.45 30.49
CA ILE C 156 -24.70 -10.34 30.00
C ILE C 156 -24.61 -11.54 30.94
N PHE C 157 -24.68 -12.74 30.34
CA PHE C 157 -24.60 -13.99 31.06
C PHE C 157 -23.34 -14.75 30.68
N SER C 158 -22.71 -15.35 31.70
CA SER C 158 -21.72 -16.40 31.50
C SER C 158 -22.46 -17.68 31.12
N GLU C 159 -22.09 -18.24 29.97
CA GLU C 159 -22.54 -19.54 29.52
C GLU C 159 -21.36 -20.36 29.04
N THR C 160 -21.54 -21.68 28.91
CA THR C 160 -20.43 -22.52 28.47
C THR C 160 -20.28 -22.46 26.96
N CYS C 161 -19.04 -22.60 26.50
CA CYS C 161 -18.62 -22.18 25.19
C CYS C 161 -19.16 -23.10 24.10
N SER C 162 -19.70 -24.23 24.54
CA SER C 162 -20.16 -25.29 23.66
C SER C 162 -21.65 -25.19 23.40
N SER C 163 -22.38 -24.36 24.18
CA SER C 163 -23.81 -24.16 23.93
C SER C 163 -24.00 -23.29 22.69
N VAL C 164 -25.20 -23.41 22.10
CA VAL C 164 -25.41 -23.14 20.68
C VAL C 164 -26.43 -22.01 20.50
N PHE C 165 -25.92 -20.79 20.32
CA PHE C 165 -26.76 -19.61 20.32
C PHE C 165 -26.60 -18.87 18.99
N LYS C 166 -27.53 -17.94 18.72
CA LYS C 166 -27.30 -16.86 17.77
C LYS C 166 -26.08 -16.03 18.19
N TRP C 167 -25.48 -15.29 17.24
CA TRP C 167 -24.35 -14.42 17.53
C TRP C 167 -24.41 -13.14 16.68
N ILE C 168 -23.57 -12.14 16.99
CA ILE C 168 -23.45 -10.91 16.21
C ILE C 168 -22.00 -10.73 15.77
N CYS C 169 -21.80 -10.47 14.46
CA CYS C 169 -20.54 -10.06 13.87
C CYS C 169 -20.47 -8.54 13.76
N GLN C 170 -19.24 -8.00 13.82
CA GLN C 170 -18.99 -6.56 13.77
C GLN C 170 -17.68 -6.31 13.04
N TYR C 171 -17.58 -5.21 12.30
CA TYR C 171 -16.32 -4.72 11.76
C TYR C 171 -16.36 -3.21 11.52
N GLY C 172 -15.22 -2.53 11.54
CA GLY C 172 -15.17 -1.07 11.42
C GLY C 172 -14.48 -0.65 10.11
N THR C 173 -13.87 0.56 10.04
CA THR C 173 -12.72 0.80 9.15
C THR C 173 -11.54 1.37 9.98
N GLN D 50 12.67 -17.74 2.21
CA GLN D 50 13.85 -17.50 1.33
C GLN D 50 14.72 -16.40 1.97
N THR D 51 14.60 -15.16 1.50
CA THR D 51 14.83 -14.00 2.38
C THR D 51 13.47 -13.42 2.80
N VAL D 52 12.66 -14.26 3.47
CA VAL D 52 11.38 -13.93 4.08
C VAL D 52 11.16 -14.76 5.34
N LEU D 53 11.44 -14.17 6.51
CA LEU D 53 11.57 -14.87 7.80
C LEU D 53 10.24 -15.37 8.36
N CYS D 54 10.17 -16.59 8.88
CA CYS D 54 8.95 -17.06 9.54
C CYS D 54 8.87 -16.53 10.96
N GLN D 55 7.62 -16.37 11.50
CA GLN D 55 7.34 -16.05 12.91
C GLN D 55 8.21 -16.98 13.76
N SER D 56 8.75 -16.49 14.88
CA SER D 56 9.73 -17.32 15.56
C SER D 56 9.07 -18.61 16.02
N GLU D 57 9.83 -19.71 15.98
CA GLU D 57 9.39 -21.05 16.33
C GLU D 57 8.48 -21.64 15.24
N TRP D 58 8.44 -21.08 14.03
CA TRP D 58 7.77 -21.75 12.92
C TRP D 58 8.82 -22.34 12.00
N LEU D 59 8.49 -23.47 11.33
CA LEU D 59 9.35 -24.08 10.35
C LEU D 59 9.05 -23.55 8.97
N LYS D 60 10.11 -23.32 8.19
CA LYS D 60 9.94 -22.85 6.84
C LYS D 60 10.17 -24.03 5.91
N TYR D 61 9.25 -24.19 4.94
CA TYR D 61 9.44 -25.15 3.86
C TYR D 61 8.82 -24.59 2.59
N GLN D 62 9.68 -24.41 1.58
CA GLN D 62 9.33 -23.89 0.27
C GLN D 62 8.37 -22.70 0.37
N GLY D 63 8.83 -21.65 1.05
CA GLY D 63 8.12 -20.37 1.09
C GLY D 63 6.82 -20.36 1.89
N LYS D 64 6.51 -21.47 2.56
CA LYS D 64 5.42 -21.56 3.53
C LYS D 64 6.00 -21.74 4.92
N CYS D 65 5.24 -21.30 5.94
CA CYS D 65 5.63 -21.49 7.33
C CYS D 65 4.62 -22.34 8.06
N TYR D 66 5.14 -23.24 8.89
CA TYR D 66 4.34 -24.27 9.52
C TYR D 66 4.54 -24.15 11.02
N TRP D 67 3.47 -24.34 11.78
CA TRP D 67 3.51 -24.45 13.22
C TRP D 67 2.78 -25.75 13.62
N PHE D 68 3.50 -26.60 14.35
CA PHE D 68 3.00 -27.89 14.83
C PHE D 68 2.71 -27.74 16.33
N SER D 69 1.50 -28.02 16.78
CA SER D 69 1.05 -27.60 18.10
C SER D 69 1.53 -28.60 19.15
N ASN D 70 1.54 -28.13 20.41
CA ASN D 70 1.76 -29.03 21.51
C ASN D 70 0.47 -29.34 22.23
N GLU D 71 -0.37 -28.30 22.36
CA GLU D 71 -1.73 -28.41 22.88
C GLU D 71 -2.58 -29.22 21.91
N MET D 72 -3.74 -29.68 22.40
CA MET D 72 -4.75 -30.33 21.56
C MET D 72 -6.11 -29.62 21.72
N LYS D 73 -6.93 -29.60 20.67
CA LYS D 73 -8.24 -28.97 20.71
C LYS D 73 -9.15 -29.44 19.59
N SER D 74 -10.44 -29.06 19.71
CA SER D 74 -11.41 -29.32 18.67
C SER D 74 -10.95 -28.65 17.37
N TRP D 75 -11.43 -29.22 16.26
CA TRP D 75 -11.08 -28.69 14.95
C TRP D 75 -11.39 -27.19 14.88
N SER D 76 -12.62 -26.78 15.26
CA SER D 76 -13.02 -25.37 15.32
C SER D 76 -12.06 -24.52 16.16
N ASP D 77 -11.71 -25.01 17.36
CA ASP D 77 -10.83 -24.26 18.27
C ASP D 77 -9.45 -24.12 17.64
N SER D 78 -8.98 -25.19 16.97
CA SER D 78 -7.71 -25.21 16.26
C SER D 78 -7.72 -24.17 15.17
N TYR D 79 -8.79 -24.20 14.37
CA TYR D 79 -8.98 -23.25 13.29
C TYR D 79 -8.95 -21.81 13.80
N VAL D 80 -9.61 -21.56 14.96
CA VAL D 80 -9.61 -20.21 15.48
C VAL D 80 -8.17 -19.80 15.78
N TYR D 81 -7.42 -20.73 16.41
CA TYR D 81 -6.05 -20.51 16.83
C TYR D 81 -5.23 -20.05 15.62
N CYS D 82 -5.38 -20.77 14.48
CA CYS D 82 -4.65 -20.42 13.28
C CYS D 82 -5.07 -19.06 12.74
N LEU D 83 -6.39 -18.83 12.66
CA LEU D 83 -6.92 -17.62 12.05
C LEU D 83 -6.42 -16.40 12.81
N GLU D 84 -6.48 -16.47 14.15
CA GLU D 84 -6.06 -15.35 14.98
C GLU D 84 -4.58 -15.03 14.77
N ARG D 85 -3.82 -16.04 14.35
CA ARG D 85 -2.40 -15.91 14.09
C ARG D 85 -2.10 -15.64 12.62
N LYS D 86 -3.08 -15.09 11.89
CA LYS D 86 -3.00 -14.75 10.48
C LYS D 86 -2.51 -15.97 9.71
N SER D 87 -3.06 -17.16 9.97
CA SER D 87 -2.71 -18.36 9.21
C SER D 87 -3.94 -19.26 9.11
N HIS D 88 -3.79 -20.50 8.63
CA HIS D 88 -4.91 -21.43 8.55
C HIS D 88 -4.43 -22.83 8.88
N LEU D 89 -5.37 -23.76 9.07
CA LEU D 89 -5.04 -25.16 9.20
C LEU D 89 -4.42 -25.66 7.88
N LEU D 90 -3.50 -26.61 8.04
CA LEU D 90 -2.56 -27.12 7.03
C LEU D 90 -3.35 -27.59 5.80
N ILE D 91 -2.98 -27.03 4.64
CA ILE D 91 -3.44 -27.49 3.35
C ILE D 91 -2.26 -28.18 2.66
N ILE D 92 -2.43 -29.46 2.32
CA ILE D 92 -1.34 -30.18 1.68
C ILE D 92 -1.46 -30.08 0.16
N HIS D 93 -0.49 -29.39 -0.45
CA HIS D 93 -0.49 -29.02 -1.86
C HIS D 93 -0.09 -30.21 -2.73
N ASP D 94 0.87 -31.03 -2.26
CA ASP D 94 1.47 -32.10 -3.03
C ASP D 94 2.15 -33.14 -2.15
N GLN D 95 2.68 -34.18 -2.81
CA GLN D 95 3.28 -35.32 -2.13
C GLN D 95 4.55 -34.91 -1.39
N LEU D 96 5.30 -33.98 -1.98
CA LEU D 96 6.59 -33.56 -1.43
C LEU D 96 6.39 -32.82 -0.09
N GLU D 97 5.36 -31.97 -0.03
CA GLU D 97 4.91 -31.28 1.16
C GLU D 97 4.41 -32.29 2.20
N MET D 98 3.73 -33.34 1.73
CA MET D 98 3.31 -34.44 2.60
C MET D 98 4.53 -35.02 3.33
N ALA D 99 5.60 -35.30 2.59
CA ALA D 99 6.91 -35.77 3.05
C ALA D 99 7.45 -34.91 4.20
N PHE D 100 7.45 -33.59 3.98
CA PHE D 100 7.92 -32.61 4.94
C PHE D 100 7.12 -32.71 6.24
N ILE D 101 5.79 -32.73 6.14
CA ILE D 101 4.87 -32.84 7.28
C ILE D 101 5.22 -34.10 8.09
N GLN D 102 5.39 -35.23 7.37
CA GLN D 102 5.59 -36.52 7.98
C GLN D 102 6.89 -36.56 8.80
N LYS D 103 7.96 -35.90 8.30
CA LYS D 103 9.23 -35.76 9.02
C LYS D 103 9.04 -35.10 10.38
N ASN D 104 8.01 -34.23 10.54
CA ASN D 104 7.89 -33.45 11.78
C ASN D 104 6.79 -33.95 12.72
N LEU D 105 6.25 -35.13 12.42
CA LEU D 105 5.11 -35.68 13.13
C LEU D 105 5.46 -37.03 13.76
N ARG D 106 5.17 -37.08 15.07
CA ARG D 106 5.07 -38.32 15.83
C ARG D 106 3.83 -39.05 15.33
N GLN D 107 4.06 -40.27 14.85
CA GLN D 107 3.03 -41.27 14.57
C GLN D 107 2.31 -41.58 15.88
N LEU D 108 1.16 -42.28 15.80
CA LEU D 108 0.32 -42.60 16.96
C LEU D 108 -0.27 -41.30 17.53
N ASN D 109 -0.59 -40.37 16.64
CA ASN D 109 -1.08 -39.06 17.00
C ASN D 109 -1.93 -38.58 15.84
N TYR D 110 -3.22 -38.36 16.14
CA TYR D 110 -4.09 -37.62 15.23
C TYR D 110 -3.71 -36.15 15.28
N VAL D 111 -3.62 -35.58 14.06
CA VAL D 111 -3.30 -34.18 13.86
C VAL D 111 -4.30 -33.58 12.87
N TRP D 112 -5.07 -32.60 13.38
CA TRP D 112 -6.05 -31.88 12.60
C TRP D 112 -5.37 -31.20 11.44
N ILE D 113 -6.04 -31.27 10.29
CA ILE D 113 -5.59 -30.63 9.07
C ILE D 113 -6.73 -29.73 8.55
N GLY D 114 -6.43 -28.79 7.64
CA GLY D 114 -7.47 -27.87 7.15
C GLY D 114 -8.39 -28.45 6.09
N LEU D 115 -9.13 -29.51 6.43
CA LEU D 115 -9.97 -30.22 5.48
C LEU D 115 -11.21 -30.70 6.22
N ASN D 116 -12.39 -30.52 5.62
CA ASN D 116 -13.61 -30.91 6.31
C ASN D 116 -14.72 -31.24 5.30
N PHE D 117 -15.80 -31.87 5.80
CA PHE D 117 -16.88 -32.28 4.94
C PHE D 117 -17.98 -31.22 4.94
N THR D 118 -18.08 -30.52 3.81
CA THR D 118 -19.01 -29.41 3.58
C THR D 118 -20.46 -29.88 3.76
N SER D 119 -20.91 -30.76 2.85
CA SER D 119 -22.30 -31.15 2.73
C SER D 119 -23.19 -29.97 2.31
N LEU D 120 -22.62 -29.05 1.55
CA LEU D 120 -23.44 -28.23 0.67
C LEU D 120 -23.07 -28.62 -0.74
N LYS D 121 -21.76 -28.66 -1.04
CA LYS D 121 -21.23 -29.25 -2.26
C LYS D 121 -21.01 -30.75 -2.09
N MET D 122 -21.15 -31.25 -0.84
CA MET D 122 -21.29 -32.66 -0.47
C MET D 122 -20.03 -33.42 -0.85
N THR D 123 -18.89 -32.74 -0.78
CA THR D 123 -17.56 -33.31 -0.94
C THR D 123 -16.67 -32.73 0.14
N TRP D 124 -15.52 -33.33 0.34
CA TRP D 124 -14.51 -32.71 1.18
C TRP D 124 -13.88 -31.54 0.42
N THR D 125 -13.87 -30.39 1.09
CA THR D 125 -13.11 -29.24 0.60
C THR D 125 -12.08 -28.86 1.66
N TRP D 126 -10.90 -28.45 1.15
CA TRP D 126 -9.89 -27.76 1.94
C TRP D 126 -10.49 -26.45 2.42
N VAL D 127 -9.88 -25.91 3.45
CA VAL D 127 -10.21 -24.65 4.09
C VAL D 127 -9.97 -23.48 3.11
N ASP D 128 -9.07 -23.65 2.11
CA ASP D 128 -8.90 -22.86 0.92
C ASP D 128 -10.20 -22.68 0.14
N GLY D 129 -11.07 -23.70 0.09
CA GLY D 129 -12.26 -23.73 -0.73
C GLY D 129 -12.15 -24.62 -1.97
N SER D 130 -10.94 -25.13 -2.22
CA SER D 130 -10.70 -26.06 -3.31
C SER D 130 -11.06 -27.44 -2.82
N PRO D 131 -11.86 -28.21 -3.60
CA PRO D 131 -12.20 -29.59 -3.24
C PRO D 131 -10.99 -30.49 -3.42
N ILE D 132 -11.00 -31.69 -2.75
CA ILE D 132 -9.81 -32.54 -2.79
C ILE D 132 -9.74 -33.23 -4.15
N ASP D 133 -8.49 -33.52 -4.58
CA ASP D 133 -8.20 -34.39 -5.69
C ASP D 133 -8.20 -35.85 -5.20
N SER D 134 -9.24 -36.60 -5.63
CA SER D 134 -9.50 -37.99 -5.23
C SER D 134 -8.46 -38.95 -5.77
N LYS D 135 -7.63 -38.49 -6.74
CA LYS D 135 -6.39 -39.12 -7.18
C LYS D 135 -5.32 -39.03 -6.07
N ILE D 136 -4.84 -37.81 -5.78
CA ILE D 136 -3.71 -37.53 -4.89
C ILE D 136 -4.01 -37.90 -3.44
N PHE D 137 -5.23 -37.67 -2.91
CA PHE D 137 -5.57 -38.01 -1.53
C PHE D 137 -6.75 -38.97 -1.43
N PHE D 138 -6.62 -39.93 -0.49
CA PHE D 138 -7.72 -40.80 -0.12
C PHE D 138 -7.98 -40.64 1.38
N ILE D 139 -9.27 -40.59 1.75
CA ILE D 139 -9.64 -40.43 3.16
C ILE D 139 -10.35 -41.70 3.63
N LYS D 140 -9.84 -42.27 4.73
CA LYS D 140 -10.50 -43.39 5.41
C LYS D 140 -11.52 -42.83 6.40
N GLY D 141 -12.73 -43.38 6.39
CA GLY D 141 -13.73 -43.10 7.42
C GLY D 141 -14.99 -42.48 6.82
N PRO D 142 -16.09 -42.26 7.60
CA PRO D 142 -17.36 -41.75 7.05
C PRO D 142 -17.31 -40.32 6.52
N ALA D 143 -18.06 -40.07 5.45
CA ALA D 143 -18.28 -38.70 4.99
C ALA D 143 -19.64 -38.21 5.52
N LYS D 144 -19.71 -38.03 6.86
CA LYS D 144 -20.86 -37.45 7.53
C LYS D 144 -20.64 -35.93 7.59
N GLU D 145 -21.70 -35.20 7.98
CA GLU D 145 -21.51 -33.84 8.46
C GLU D 145 -20.87 -33.91 9.82
N ASN D 146 -20.20 -32.82 10.17
CA ASN D 146 -19.32 -32.77 11.35
C ASN D 146 -18.23 -33.82 11.23
N SER D 147 -17.75 -34.00 9.99
CA SER D 147 -16.52 -34.74 9.74
C SER D 147 -15.45 -33.76 9.28
N CYS D 148 -14.30 -33.85 9.98
CA CYS D 148 -13.08 -33.11 9.73
C CYS D 148 -11.93 -34.10 9.56
N ALA D 149 -10.88 -33.69 8.85
CA ALA D 149 -9.79 -34.59 8.52
C ALA D 149 -8.63 -34.48 9.51
N ALA D 150 -7.98 -35.61 9.78
CA ALA D 150 -6.80 -35.67 10.62
C ALA D 150 -5.76 -36.63 10.02
N ILE D 151 -4.46 -36.29 10.15
CA ILE D 151 -3.39 -37.19 9.76
C ILE D 151 -3.04 -38.04 10.97
N LYS D 152 -2.84 -39.33 10.70
CA LYS D 152 -2.47 -40.36 11.66
C LYS D 152 -1.78 -41.43 10.82
N GLU D 153 -0.66 -41.97 11.33
CA GLU D 153 0.37 -42.60 10.54
C GLU D 153 0.67 -41.69 9.35
N SER D 154 0.45 -42.19 8.15
CA SER D 154 0.62 -41.32 7.00
C SER D 154 -0.68 -41.23 6.19
N LYS D 155 -1.82 -41.47 6.86
CA LYS D 155 -3.11 -41.53 6.21
C LYS D 155 -3.97 -40.37 6.67
N ILE D 156 -5.00 -40.06 5.89
CA ILE D 156 -5.97 -39.07 6.31
C ILE D 156 -7.24 -39.79 6.76
N PHE D 157 -7.69 -39.45 7.98
CA PHE D 157 -8.89 -40.03 8.58
C PHE D 157 -9.97 -38.98 8.73
N SER D 158 -11.20 -39.38 8.45
CA SER D 158 -12.38 -38.66 8.88
C SER D 158 -12.57 -38.92 10.37
N GLU D 159 -12.63 -37.83 11.15
CA GLU D 159 -12.98 -37.86 12.56
C GLU D 159 -14.03 -36.79 12.84
N THR D 160 -14.68 -36.88 14.01
CA THR D 160 -15.69 -35.88 14.33
C THR D 160 -15.05 -34.61 14.86
N CYS D 161 -15.70 -33.48 14.59
CA CYS D 161 -15.08 -32.17 14.64
C CYS D 161 -14.84 -31.72 16.07
N SER D 162 -15.42 -32.47 17.01
CA SER D 162 -15.41 -32.15 18.42
C SER D 162 -14.30 -32.89 19.15
N SER D 163 -13.68 -33.90 18.51
CA SER D 163 -12.55 -34.60 19.11
C SER D 163 -11.31 -33.71 19.09
N VAL D 164 -10.36 -34.01 19.99
CA VAL D 164 -9.44 -33.01 20.53
C VAL D 164 -8.00 -33.43 20.23
N PHE D 165 -7.45 -32.89 19.14
CA PHE D 165 -6.18 -33.36 18.63
C PHE D 165 -5.20 -32.19 18.60
N LYS D 166 -3.90 -32.50 18.46
CA LYS D 166 -2.90 -31.57 17.96
C LYS D 166 -3.29 -31.14 16.54
N TRP D 167 -2.76 -29.98 16.11
CA TRP D 167 -3.05 -29.46 14.78
C TRP D 167 -1.81 -28.78 14.19
N ILE D 168 -1.83 -28.45 12.89
CA ILE D 168 -0.78 -27.71 12.23
C ILE D 168 -1.37 -26.45 11.60
N CYS D 169 -0.72 -25.29 11.88
CA CYS D 169 -0.96 -24.01 11.21
C CYS D 169 0.02 -23.80 10.06
N GLN D 170 -0.42 -23.05 9.05
CA GLN D 170 0.36 -22.84 7.82
C GLN D 170 0.06 -21.44 7.30
N TYR D 171 1.07 -20.76 6.73
CA TYR D 171 0.86 -19.53 5.98
C TYR D 171 1.95 -19.34 4.93
N GLY D 172 1.65 -18.59 3.87
CA GLY D 172 2.55 -18.43 2.73
C GLY D 172 3.15 -17.03 2.68
N THR D 173 3.69 -16.66 1.51
CA THR D 173 4.34 -15.36 1.32
C THR D 173 3.70 -14.64 0.11
N GLN E 50 -5.68 -10.56 -15.53
CA GLN E 50 -6.61 -11.55 -16.15
C GLN E 50 -7.98 -11.39 -15.45
N THR E 51 -7.95 -11.61 -14.13
CA THR E 51 -9.07 -11.23 -13.27
C THR E 51 -8.86 -9.77 -12.83
N VAL E 52 -8.92 -8.85 -13.82
CA VAL E 52 -8.83 -7.40 -13.62
C VAL E 52 -9.76 -6.67 -14.57
N LEU E 53 -10.86 -6.09 -14.06
CA LEU E 53 -11.86 -5.34 -14.83
C LEU E 53 -11.35 -4.00 -15.36
N CYS E 54 -11.59 -3.66 -16.62
CA CYS E 54 -11.40 -2.31 -17.11
C CYS E 54 -12.56 -1.41 -16.67
N GLN E 55 -12.29 -0.08 -16.51
CA GLN E 55 -13.29 0.97 -16.25
C GLN E 55 -14.44 0.72 -17.23
N SER E 56 -15.68 0.93 -16.78
CA SER E 56 -16.78 0.53 -17.63
C SER E 56 -16.71 1.27 -18.96
N GLU E 57 -17.08 0.59 -20.06
CA GLU E 57 -17.05 1.14 -21.40
C GLU E 57 -15.63 1.22 -21.96
N TRP E 58 -14.63 0.60 -21.33
CA TRP E 58 -13.32 0.48 -21.95
C TRP E 58 -13.15 -0.95 -22.45
N LEU E 59 -12.39 -1.09 -23.54
CA LEU E 59 -12.06 -2.39 -24.09
C LEU E 59 -10.75 -2.91 -23.53
N LYS E 60 -10.72 -4.21 -23.23
CA LYS E 60 -9.53 -4.83 -22.71
C LYS E 60 -8.88 -5.59 -23.85
N TYR E 61 -7.55 -5.42 -23.97
CA TYR E 61 -6.75 -6.26 -24.84
C TYR E 61 -5.36 -6.43 -24.25
N GLN E 62 -4.98 -7.69 -24.02
CA GLN E 62 -3.68 -8.08 -23.46
C GLN E 62 -3.30 -7.19 -22.28
N GLY E 63 -4.16 -7.15 -21.25
CA GLY E 63 -3.86 -6.50 -19.99
C GLY E 63 -3.75 -4.96 -20.06
N LYS E 64 -4.09 -4.37 -21.20
CA LYS E 64 -4.27 -2.94 -21.39
C LYS E 64 -5.75 -2.65 -21.61
N CYS E 65 -6.18 -1.43 -21.22
CA CYS E 65 -7.54 -0.96 -21.47
C CYS E 65 -7.52 0.23 -22.38
N TYR E 66 -8.50 0.25 -23.30
CA TYR E 66 -8.53 1.21 -24.38
C TYR E 66 -9.87 1.92 -24.30
N TRP E 67 -9.83 3.23 -24.57
CA TRP E 67 -11.02 4.04 -24.70
C TRP E 67 -10.95 4.82 -26.01
N PHE E 68 -11.97 4.59 -26.87
CA PHE E 68 -12.02 5.21 -28.19
C PHE E 68 -13.05 6.34 -28.16
N SER E 69 -12.67 7.57 -28.52
CA SER E 69 -13.50 8.73 -28.25
C SER E 69 -14.59 8.89 -29.28
N ASN E 70 -15.65 9.62 -28.88
CA ASN E 70 -16.64 10.04 -29.84
C ASN E 70 -16.43 11.50 -30.15
N GLU E 71 -16.12 12.30 -29.09
CA GLU E 71 -15.78 13.69 -29.28
C GLU E 71 -14.44 13.82 -30.00
N MET E 72 -14.12 15.02 -30.47
CA MET E 72 -12.85 15.36 -31.08
C MET E 72 -12.24 16.57 -30.40
N LYS E 73 -10.89 16.66 -30.37
CA LYS E 73 -10.17 17.79 -29.77
C LYS E 73 -8.72 17.86 -30.21
N SER E 74 -8.08 18.97 -29.84
CA SER E 74 -6.66 19.14 -30.07
C SER E 74 -5.88 18.03 -29.33
N TRP E 75 -4.69 17.75 -29.83
CA TRP E 75 -3.85 16.74 -29.25
C TRP E 75 -3.67 16.99 -27.75
N SER E 76 -3.27 18.21 -27.35
CA SER E 76 -3.13 18.60 -25.95
C SER E 76 -4.41 18.35 -25.15
N ASP E 77 -5.58 18.77 -25.69
CA ASP E 77 -6.84 18.60 -24.99
C ASP E 77 -7.16 17.13 -24.81
N SER E 78 -6.86 16.32 -25.85
CA SER E 78 -7.04 14.88 -25.82
C SER E 78 -6.19 14.30 -24.71
N TYR E 79 -4.88 14.67 -24.73
CA TYR E 79 -3.95 14.22 -23.73
C TYR E 79 -4.43 14.56 -22.32
N VAL E 80 -5.00 15.77 -22.13
CA VAL E 80 -5.50 16.15 -20.83
C VAL E 80 -6.57 15.16 -20.40
N TYR E 81 -7.47 14.88 -21.33
CA TYR E 81 -8.60 13.98 -21.11
C TYR E 81 -8.10 12.65 -20.58
N CYS E 82 -7.07 12.10 -21.23
CA CYS E 82 -6.52 10.83 -20.80
C CYS E 82 -5.88 10.94 -19.42
N LEU E 83 -5.05 11.98 -19.21
CA LEU E 83 -4.29 12.14 -17.98
C LEU E 83 -5.24 12.24 -16.81
N GLU E 84 -6.32 13.03 -16.95
CA GLU E 84 -7.29 13.20 -15.89
C GLU E 84 -7.93 11.87 -15.50
N ARG E 85 -7.99 10.95 -16.46
CA ARG E 85 -8.59 9.65 -16.27
C ARG E 85 -7.56 8.59 -15.92
N LYS E 86 -6.42 9.01 -15.37
CA LYS E 86 -5.32 8.16 -14.95
C LYS E 86 -4.92 7.26 -16.14
N SER E 87 -4.80 7.78 -17.36
CA SER E 87 -4.37 7.02 -18.52
C SER E 87 -3.56 7.92 -19.46
N HIS E 88 -3.21 7.50 -20.66
CA HIS E 88 -2.47 8.33 -21.60
C HIS E 88 -2.96 8.07 -23.02
N LEU E 89 -2.56 8.90 -23.97
CA LEU E 89 -2.82 8.62 -25.37
C LEU E 89 -2.09 7.35 -25.79
N LEU E 90 -2.76 6.64 -26.71
CA LEU E 90 -2.48 5.26 -27.10
C LEU E 90 -1.03 5.15 -27.58
N ILE E 91 -0.30 4.21 -27.00
CA ILE E 91 1.03 3.79 -27.43
C ILE E 91 0.89 2.41 -28.09
N ILE E 92 1.24 2.32 -29.37
CA ILE E 92 1.11 1.05 -30.07
C ILE E 92 2.42 0.28 -30.00
N HIS E 93 2.39 -0.86 -29.29
CA HIS E 93 3.56 -1.64 -28.95
C HIS E 93 4.03 -2.50 -30.14
N ASP E 94 3.09 -3.03 -30.91
CA ASP E 94 3.35 -4.02 -31.97
C ASP E 94 2.22 -4.09 -32.99
N GLN E 95 2.44 -4.92 -34.01
CA GLN E 95 1.54 -5.06 -35.13
C GLN E 95 0.22 -5.67 -34.70
N LEU E 96 0.26 -6.59 -33.74
CA LEU E 96 -0.90 -7.32 -33.29
C LEU E 96 -1.89 -6.38 -32.59
N GLU E 97 -1.35 -5.47 -31.75
CA GLU E 97 -2.08 -4.42 -31.06
C GLU E 97 -2.65 -3.44 -32.10
N MET E 98 -1.88 -3.18 -33.15
CA MET E 98 -2.35 -2.37 -34.27
C MET E 98 -3.64 -2.94 -34.83
N ALA E 99 -3.65 -4.26 -35.10
CA ALA E 99 -4.76 -5.05 -35.56
C ALA E 99 -5.99 -4.84 -34.69
N PHE E 100 -5.82 -4.97 -33.37
CA PHE E 100 -6.88 -4.79 -32.39
C PHE E 100 -7.51 -3.39 -32.50
N ILE E 101 -6.67 -2.33 -32.56
CA ILE E 101 -7.10 -0.96 -32.65
C ILE E 101 -7.93 -0.80 -33.92
N GLN E 102 -7.43 -1.33 -35.04
CA GLN E 102 -8.03 -1.16 -36.34
C GLN E 102 -9.42 -1.77 -36.41
N LYS E 103 -9.63 -2.92 -35.74
CA LYS E 103 -10.94 -3.55 -35.61
C LYS E 103 -11.95 -2.61 -34.95
N ASN E 104 -11.51 -1.69 -34.07
CA ASN E 104 -12.43 -0.86 -33.29
C ASN E 104 -12.46 0.61 -33.75
N LEU E 105 -12.02 0.86 -34.99
CA LEU E 105 -11.98 2.18 -35.56
C LEU E 105 -12.89 2.37 -36.77
N ARG E 106 -13.60 3.52 -36.78
CA ARG E 106 -14.14 4.10 -38.01
C ARG E 106 -12.98 4.58 -38.87
N GLN E 107 -12.81 3.97 -40.05
CA GLN E 107 -11.91 4.45 -41.09
C GLN E 107 -12.46 5.79 -41.57
N LEU E 108 -11.66 6.51 -42.35
CA LEU E 108 -11.93 7.87 -42.84
C LEU E 108 -12.05 8.82 -41.64
N ASN E 109 -11.16 8.60 -40.65
CA ASN E 109 -11.16 9.35 -39.43
C ASN E 109 -9.74 9.37 -38.90
N TYR E 110 -9.18 10.59 -38.80
CA TYR E 110 -7.97 10.79 -38.03
C TYR E 110 -8.26 10.62 -36.54
N VAL E 111 -7.35 9.88 -35.90
CA VAL E 111 -7.39 9.57 -34.49
C VAL E 111 -6.03 9.83 -33.88
N TRP E 112 -5.99 10.80 -32.96
CA TRP E 112 -4.80 11.18 -32.23
C TRP E 112 -4.28 9.98 -31.46
N ILE E 113 -2.96 9.85 -31.51
CA ILE E 113 -2.25 8.79 -30.80
C ILE E 113 -1.16 9.41 -29.93
N GLY E 114 -0.62 8.68 -28.94
CA GLY E 114 0.36 9.30 -28.01
C GLY E 114 1.77 9.43 -28.56
N LEU E 115 1.95 10.17 -29.64
CA LEU E 115 3.20 10.22 -30.37
C LEU E 115 3.34 11.64 -30.92
N ASN E 116 4.52 12.23 -30.76
CA ASN E 116 4.70 13.61 -31.20
C ASN E 116 6.17 13.86 -31.52
N PHE E 117 6.41 15.01 -32.18
CA PHE E 117 7.75 15.37 -32.56
C PHE E 117 8.36 16.30 -31.51
N THR E 118 9.32 15.71 -30.75
CA THR E 118 10.01 16.33 -29.64
C THR E 118 10.74 17.57 -30.11
N SER E 119 11.76 17.39 -30.98
CA SER E 119 12.70 18.43 -31.37
C SER E 119 13.54 18.90 -30.18
N LEU E 120 13.80 17.99 -29.25
CA LEU E 120 14.97 18.14 -28.41
C LEU E 120 15.91 17.00 -28.79
N LYS E 121 15.35 15.77 -28.81
CA LYS E 121 16.03 14.61 -29.36
C LYS E 121 15.78 14.51 -30.87
N MET E 122 14.87 15.36 -31.40
CA MET E 122 14.70 15.67 -32.81
C MET E 122 14.29 14.42 -33.57
N THR E 123 13.54 13.55 -32.89
CA THR E 123 12.89 12.36 -33.46
C THR E 123 11.48 12.30 -32.88
N TRP E 124 10.64 11.48 -33.48
CA TRP E 124 9.37 11.17 -32.87
C TRP E 124 9.57 10.24 -31.69
N THR E 125 9.05 10.65 -30.54
CA THR E 125 8.94 9.79 -29.36
C THR E 125 7.48 9.63 -28.97
N TRP E 126 7.17 8.42 -28.52
CA TRP E 126 5.94 8.12 -27.82
C TRP E 126 5.93 8.90 -26.52
N VAL E 127 4.75 9.01 -25.97
CA VAL E 127 4.42 9.67 -24.74
C VAL E 127 5.07 8.95 -23.54
N ASP E 128 5.42 7.67 -23.65
CA ASP E 128 6.34 6.89 -22.83
C ASP E 128 7.70 7.55 -22.66
N GLY E 129 8.21 8.15 -23.75
CA GLY E 129 9.58 8.63 -23.87
C GLY E 129 10.47 7.72 -24.72
N SER E 130 9.90 6.58 -25.12
CA SER E 130 10.62 5.67 -26.02
C SER E 130 10.40 6.14 -27.45
N PRO E 131 11.49 6.26 -28.26
CA PRO E 131 11.38 6.65 -29.67
C PRO E 131 10.77 5.55 -30.52
N ILE E 132 10.23 5.85 -31.72
CA ILE E 132 9.48 4.88 -32.50
C ILE E 132 10.40 3.86 -33.17
N ASP E 133 9.89 2.63 -33.34
CA ASP E 133 10.53 1.59 -34.15
C ASP E 133 10.20 1.77 -35.63
N SER E 134 11.21 2.21 -36.41
CA SER E 134 11.12 2.54 -37.84
C SER E 134 10.88 1.30 -38.70
N LYS E 135 11.10 0.11 -38.12
CA LYS E 135 10.70 -1.19 -38.64
C LYS E 135 9.18 -1.36 -38.61
N ILE E 136 8.54 -1.38 -37.41
CA ILE E 136 7.11 -1.62 -37.28
C ILE E 136 6.28 -0.47 -37.85
N PHE E 137 6.68 0.81 -37.67
CA PHE E 137 5.83 1.97 -38.01
C PHE E 137 6.54 2.91 -38.96
N PHE E 138 5.79 3.41 -39.94
CA PHE E 138 6.24 4.46 -40.85
C PHE E 138 5.31 5.67 -40.70
N ILE E 139 5.85 6.90 -40.68
CA ILE E 139 5.01 8.09 -40.57
C ILE E 139 5.05 8.91 -41.87
N LYS E 140 3.88 9.17 -42.46
CA LYS E 140 3.74 10.07 -43.58
C LYS E 140 3.59 11.50 -43.05
N GLY E 141 4.36 12.43 -43.59
CA GLY E 141 4.15 13.86 -43.38
C GLY E 141 5.37 14.54 -42.76
N PRO E 142 5.39 15.90 -42.63
CA PRO E 142 6.56 16.63 -42.13
C PRO E 142 6.92 16.38 -40.66
N ALA E 143 8.22 16.37 -40.36
CA ALA E 143 8.68 16.33 -38.98
C ALA E 143 9.04 17.75 -38.53
N LYS E 144 8.03 18.62 -38.40
CA LYS E 144 8.18 19.95 -37.81
C LYS E 144 7.95 19.87 -36.31
N GLU E 145 8.25 20.94 -35.56
CA GLU E 145 7.72 21.10 -34.22
C GLU E 145 6.25 21.39 -34.33
N ASN E 146 5.51 21.08 -33.26
CA ASN E 146 4.05 21.11 -33.28
C ASN E 146 3.53 20.14 -34.34
N SER E 147 4.23 19.01 -34.47
CA SER E 147 3.73 17.86 -35.18
C SER E 147 3.43 16.76 -34.17
N CYS E 148 2.20 16.24 -34.26
CA CYS E 148 1.66 15.13 -33.49
C CYS E 148 1.13 14.06 -34.45
N ALA E 149 1.06 12.82 -34.00
CA ALA E 149 0.72 11.72 -34.86
C ALA E 149 -0.77 11.37 -34.76
N ALA E 150 -1.38 11.00 -35.90
CA ALA E 150 -2.72 10.49 -35.94
C ALA E 150 -2.84 9.25 -36.85
N ILE E 151 -3.67 8.29 -36.49
CA ILE E 151 -3.98 7.12 -37.32
C ILE E 151 -5.18 7.43 -38.15
N LYS E 152 -5.08 7.11 -39.44
CA LYS E 152 -6.11 7.20 -40.47
C LYS E 152 -5.93 5.96 -41.35
N GLU E 153 -7.01 5.21 -41.55
CA GLU E 153 -6.96 3.80 -41.89
C GLU E 153 -5.97 3.11 -40.94
N SER E 154 -4.90 2.56 -41.47
CA SER E 154 -3.88 2.04 -40.56
C SER E 154 -2.53 2.62 -40.95
N LYS E 155 -2.56 3.90 -41.39
CA LYS E 155 -1.35 4.70 -41.59
C LYS E 155 -1.21 5.73 -40.47
N ILE E 156 0.03 6.11 -40.15
CA ILE E 156 0.27 7.17 -39.19
C ILE E 156 0.68 8.43 -39.96
N PHE E 157 -0.03 9.53 -39.66
CA PHE E 157 0.23 10.81 -40.26
C PHE E 157 0.76 11.79 -39.22
N SER E 158 1.76 12.59 -39.62
CA SER E 158 2.08 13.84 -38.97
C SER E 158 1.00 14.87 -39.29
N GLU E 159 0.40 15.42 -38.24
CA GLU E 159 -0.55 16.52 -38.34
C GLU E 159 -0.17 17.61 -37.32
N THR E 160 -0.71 18.82 -37.47
CA THR E 160 -0.40 19.87 -36.50
C THR E 160 -1.26 19.71 -35.23
N CYS E 161 -0.69 20.15 -34.11
CA CYS E 161 -1.12 19.70 -32.78
C CYS E 161 -2.46 20.30 -32.38
N SER E 162 -2.86 21.29 -33.17
CA SER E 162 -4.02 22.11 -32.91
C SER E 162 -5.25 21.61 -33.68
N SER E 163 -5.04 20.68 -34.64
CA SER E 163 -6.16 20.07 -35.36
C SER E 163 -6.91 19.10 -34.45
N VAL E 164 -8.19 18.85 -34.78
CA VAL E 164 -9.19 18.46 -33.79
C VAL E 164 -9.80 17.12 -34.18
N PHE E 165 -9.26 16.06 -33.61
CA PHE E 165 -9.60 14.71 -34.03
C PHE E 165 -10.16 13.94 -32.83
N LYS E 166 -10.80 12.79 -33.12
CA LYS E 166 -10.98 11.74 -32.14
C LYS E 166 -9.62 11.27 -31.62
N TRP E 167 -9.62 10.62 -30.45
CA TRP E 167 -8.39 10.10 -29.87
C TRP E 167 -8.66 8.78 -29.13
N ILE E 168 -7.59 8.05 -28.76
CA ILE E 168 -7.70 6.83 -27.98
C ILE E 168 -6.88 6.98 -26.69
N CYS E 169 -7.51 6.65 -25.56
CA CYS E 169 -6.84 6.49 -24.28
C CYS E 169 -6.44 5.04 -24.01
N GLN E 170 -5.37 4.85 -23.24
CA GLN E 170 -4.85 3.53 -22.89
C GLN E 170 -4.28 3.53 -21.48
N TYR E 171 -4.47 2.42 -20.73
CA TYR E 171 -3.80 2.23 -19.46
C TYR E 171 -3.57 0.75 -19.15
N GLY E 172 -2.56 0.46 -18.28
CA GLY E 172 -2.18 -0.92 -17.96
C GLY E 172 -2.79 -1.49 -16.68
N THR E 173 -2.75 -2.82 -16.43
CA THR E 173 -3.54 -3.44 -15.35
C THR E 173 -2.74 -3.94 -14.12
N GLN F 50 4.43 18.78 7.07
CA GLN F 50 5.32 18.65 8.28
C GLN F 50 6.82 18.44 7.95
N THR F 51 7.26 17.18 7.77
CA THR F 51 8.60 16.83 7.31
C THR F 51 8.49 16.24 5.89
N VAL F 52 8.09 17.10 4.92
CA VAL F 52 7.71 16.66 3.58
C VAL F 52 8.27 17.58 2.52
N LEU F 53 9.32 17.12 1.84
CA LEU F 53 10.10 17.92 0.89
C LEU F 53 9.35 18.20 -0.42
N CYS F 54 9.38 19.42 -0.94
CA CYS F 54 8.92 19.69 -2.29
C CYS F 54 9.96 19.26 -3.32
N GLN F 55 9.51 18.87 -4.54
CA GLN F 55 10.35 18.63 -5.74
C GLN F 55 11.31 19.82 -5.82
N SER F 56 12.55 19.57 -6.22
CA SER F 56 13.53 20.64 -6.15
C SER F 56 13.06 21.79 -7.06
N GLU F 57 13.33 23.02 -6.63
CA GLU F 57 12.92 24.23 -7.36
C GLU F 57 11.43 24.53 -7.17
N TRP F 58 10.70 23.87 -6.26
CA TRP F 58 9.33 24.27 -5.97
C TRP F 58 9.27 25.03 -4.66
N LEU F 59 8.31 25.95 -4.50
CA LEU F 59 8.07 26.62 -3.23
C LEU F 59 7.04 25.89 -2.38
N LYS F 60 7.29 25.88 -1.08
CA LYS F 60 6.34 25.27 -0.16
C LYS F 60 5.57 26.39 0.52
N TYR F 61 4.25 26.24 0.58
CA TYR F 61 3.39 27.13 1.35
C TYR F 61 2.22 26.36 1.93
N GLN F 62 2.09 26.33 3.26
CA GLN F 62 1.05 25.62 3.98
C GLN F 62 0.82 24.22 3.41
N GLY F 63 1.88 23.41 3.35
CA GLY F 63 1.74 22.00 3.00
C GLY F 63 1.38 21.70 1.56
N LYS F 64 1.37 22.74 0.72
CA LYS F 64 1.24 22.65 -0.72
C LYS F 64 2.58 23.08 -1.34
N CYS F 65 2.87 22.57 -2.54
CA CYS F 65 4.05 22.97 -3.29
C CYS F 65 3.65 23.61 -4.61
N TYR F 66 4.38 24.67 -4.94
CA TYR F 66 4.00 25.53 -6.04
C TYR F 66 5.18 25.61 -7.00
N TRP F 67 4.88 25.62 -8.29
CA TRP F 67 5.86 25.87 -9.33
C TRP F 67 5.33 26.96 -10.26
N PHE F 68 6.09 28.04 -10.37
CA PHE F 68 5.78 29.21 -11.18
C PHE F 68 6.64 29.19 -12.43
N SER F 69 6.03 29.23 -13.61
CA SER F 69 6.75 28.93 -14.84
C SER F 69 7.55 30.11 -15.34
N ASN F 70 8.53 29.84 -16.17
CA ASN F 70 9.20 30.88 -16.94
C ASN F 70 8.72 30.83 -18.37
N GLU F 71 8.54 29.61 -18.90
CA GLU F 71 7.94 29.39 -20.20
C GLU F 71 6.47 29.83 -20.21
N MET F 72 5.90 30.01 -21.41
CA MET F 72 4.47 30.29 -21.58
C MET F 72 3.84 29.29 -22.54
N LYS F 73 2.55 28.96 -22.34
CA LYS F 73 1.82 28.05 -23.22
C LYS F 73 0.32 28.14 -23.05
N SER F 74 -0.39 27.44 -23.96
CA SER F 74 -1.82 27.35 -23.89
C SER F 74 -2.24 26.72 -22.56
N TRP F 75 -3.46 27.03 -22.12
CA TRP F 75 -3.98 26.51 -20.89
C TRP F 75 -3.87 24.98 -20.89
N SER F 76 -4.37 24.30 -21.95
CA SER F 76 -4.26 22.85 -22.10
C SER F 76 -2.81 22.36 -21.99
N ASP F 77 -1.87 23.02 -22.70
CA ASP F 77 -0.47 22.63 -22.68
C ASP F 77 0.11 22.77 -21.27
N SER F 78 -0.28 23.85 -20.57
CA SER F 78 0.12 24.13 -19.20
C SER F 78 -0.38 23.01 -18.32
N TYR F 79 -1.67 22.69 -18.45
CA TYR F 79 -2.29 21.63 -17.69
C TYR F 79 -1.58 20.30 -17.90
N VAL F 80 -1.18 20.02 -19.16
CA VAL F 80 -0.46 18.78 -19.43
C VAL F 80 0.82 18.79 -18.62
N TYR F 81 1.53 19.91 -18.65
CA TYR F 81 2.81 20.09 -17.98
C TYR F 81 2.66 19.74 -16.49
N CYS F 82 1.61 20.25 -15.86
CA CYS F 82 1.37 19.98 -14.44
C CYS F 82 1.06 18.51 -14.22
N LEU F 83 0.14 17.96 -15.03
CA LEU F 83 -0.36 16.62 -14.86
C LEU F 83 0.80 15.65 -14.98
N GLU F 84 1.66 15.84 -15.97
CA GLU F 84 2.80 14.96 -16.20
C GLU F 84 3.72 14.95 -14.99
N ARG F 85 3.73 16.05 -14.24
CA ARG F 85 4.56 16.24 -13.08
C ARG F 85 3.80 15.89 -11.80
N LYS F 86 2.77 15.05 -11.89
CA LYS F 86 1.92 14.58 -10.81
C LYS F 86 1.43 15.79 -10.03
N SER F 87 0.95 16.87 -10.67
CA SER F 87 0.37 18.03 -9.99
C SER F 87 -0.75 18.62 -10.85
N HIS F 88 -1.29 19.80 -10.53
CA HIS F 88 -2.33 20.42 -11.33
C HIS F 88 -2.14 21.92 -11.40
N LEU F 89 -2.89 22.61 -12.26
CA LEU F 89 -2.92 24.06 -12.26
C LEU F 89 -3.50 24.57 -10.95
N LEU F 90 -2.98 25.71 -10.52
CA LEU F 90 -3.14 26.32 -9.21
C LEU F 90 -4.62 26.50 -8.89
N ILE F 91 -5.05 25.98 -7.76
CA ILE F 91 -6.36 26.22 -7.17
C ILE F 91 -6.17 27.12 -5.96
N ILE F 92 -6.81 28.30 -5.97
CA ILE F 92 -6.67 29.20 -4.85
C ILE F 92 -7.78 28.93 -3.83
N HIS F 93 -7.37 28.49 -2.63
CA HIS F 93 -8.25 28.02 -1.58
C HIS F 93 -8.88 29.19 -0.84
N ASP F 94 -8.10 30.26 -0.61
CA ASP F 94 -8.50 31.40 0.22
C ASP F 94 -7.68 32.65 -0.07
N GLN F 95 -7.99 33.73 0.64
CA GLN F 95 -7.39 35.04 0.45
C GLN F 95 -5.92 35.03 0.80
N LEU F 96 -5.54 34.26 1.83
CA LEU F 96 -4.18 34.25 2.34
C LEU F 96 -3.24 33.57 1.32
N GLU F 97 -3.73 32.49 0.68
CA GLU F 97 -3.06 31.81 -0.41
C GLU F 97 -2.94 32.73 -1.62
N MET F 98 -3.98 33.55 -1.84
CA MET F 98 -3.94 34.57 -2.88
C MET F 98 -2.73 35.47 -2.69
N ALA F 99 -2.57 35.95 -1.45
CA ALA F 99 -1.45 36.77 -0.97
C ALA F 99 -0.10 36.17 -1.32
N PHE F 100 0.06 34.88 -1.01
CA PHE F 100 1.28 34.12 -1.26
C PHE F 100 1.59 34.12 -2.75
N ILE F 101 0.58 33.80 -3.60
CA ILE F 101 0.72 33.76 -5.05
C ILE F 101 1.23 35.11 -5.56
N GLN F 102 0.58 36.18 -5.07
CA GLN F 102 0.81 37.53 -5.53
C GLN F 102 2.24 37.97 -5.22
N LYS F 103 2.79 37.57 -4.04
CA LYS F 103 4.18 37.83 -3.69
C LYS F 103 5.15 37.25 -4.72
N ASN F 104 4.78 36.17 -5.44
CA ASN F 104 5.72 35.47 -6.33
C ASN F 104 5.49 35.76 -7.81
N LEU F 105 4.66 36.78 -8.09
CA LEU F 105 4.27 37.12 -9.45
C LEU F 105 4.68 38.55 -9.75
N ARG F 106 5.43 38.69 -10.87
CA ARG F 106 5.56 39.96 -11.55
C ARG F 106 4.21 40.29 -12.18
N GLN F 107 3.67 41.44 -11.78
CA GLN F 107 2.48 42.05 -12.36
C GLN F 107 2.79 42.34 -13.83
N LEU F 108 1.76 42.70 -14.61
CA LEU F 108 1.86 42.94 -16.06
C LEU F 108 2.23 41.61 -16.75
N ASN F 109 1.66 40.53 -16.25
CA ASN F 109 1.90 39.20 -16.74
C ASN F 109 0.66 38.39 -16.44
N TYR F 110 0.04 37.91 -17.51
CA TYR F 110 -1.04 36.95 -17.41
C TYR F 110 -0.45 35.59 -17.00
N VAL F 111 -1.10 34.96 -16.01
CA VAL F 111 -0.69 33.67 -15.48
C VAL F 111 -1.90 32.75 -15.33
N TRP F 112 -1.86 31.65 -16.11
CA TRP F 112 -2.89 30.62 -16.11
C TRP F 112 -3.03 30.04 -14.73
N ILE F 113 -4.27 29.81 -14.34
CA ILE F 113 -4.64 29.20 -13.09
C ILE F 113 -5.58 28.00 -13.39
N GLY F 114 -5.82 27.10 -12.43
CA GLY F 114 -6.65 25.93 -12.68
C GLY F 114 -8.16 26.20 -12.57
N LEU F 115 -8.67 27.07 -13.44
CA LEU F 115 -10.05 27.52 -13.38
C LEU F 115 -10.52 27.73 -14.81
N ASN F 116 -11.69 27.24 -15.15
CA ASN F 116 -12.14 27.24 -16.52
C ASN F 116 -13.66 27.23 -16.59
N PHE F 117 -14.16 27.61 -17.78
CA PHE F 117 -15.59 27.64 -18.01
C PHE F 117 -15.95 26.38 -18.77
N THR F 118 -16.57 25.48 -17.98
CA THR F 118 -16.80 24.08 -18.31
C THR F 118 -17.74 24.00 -19.52
N SER F 119 -18.97 24.49 -19.37
CA SER F 119 -20.09 24.29 -20.28
C SER F 119 -20.44 22.80 -20.41
N LEU F 120 -20.31 22.10 -19.28
CA LEU F 120 -21.16 20.95 -19.06
C LEU F 120 -22.04 21.34 -17.89
N LYS F 121 -21.41 21.79 -16.79
CA LYS F 121 -22.16 22.36 -15.67
C LYS F 121 -22.34 23.87 -15.85
N MET F 122 -21.69 24.44 -16.90
CA MET F 122 -21.98 25.78 -17.43
C MET F 122 -21.83 26.88 -16.38
N THR F 123 -20.87 26.66 -15.48
CA THR F 123 -20.37 27.60 -14.49
C THR F 123 -18.85 27.51 -14.49
N TRP F 124 -18.17 28.48 -13.85
CA TRP F 124 -16.74 28.29 -13.65
C TRP F 124 -16.52 27.28 -12.54
N THR F 125 -15.74 26.25 -12.85
CA THR F 125 -15.28 25.30 -11.85
C THR F 125 -13.74 25.32 -11.85
N TRP F 126 -13.21 25.17 -10.62
CA TRP F 126 -11.82 24.85 -10.40
C TRP F 126 -11.58 23.46 -10.94
N VAL F 127 -10.30 23.19 -11.13
CA VAL F 127 -9.80 21.93 -11.66
C VAL F 127 -10.02 20.77 -10.69
N ASP F 128 -10.23 21.04 -9.40
CA ASP F 128 -10.86 20.23 -8.35
C ASP F 128 -12.20 19.64 -8.76
N GLY F 129 -13.01 20.44 -9.46
CA GLY F 129 -14.43 20.18 -9.75
C GLY F 129 -15.39 20.94 -8.84
N SER F 130 -14.85 21.68 -7.89
CA SER F 130 -15.67 22.54 -7.04
C SER F 130 -15.89 23.84 -7.80
N PRO F 131 -17.16 24.31 -7.90
CA PRO F 131 -17.47 25.58 -8.55
C PRO F 131 -17.04 26.77 -7.68
N ILE F 132 -16.89 27.97 -8.28
CA ILE F 132 -16.24 29.09 -7.59
C ILE F 132 -17.15 29.67 -6.51
N ASP F 133 -16.53 30.17 -5.43
CA ASP F 133 -17.19 31.01 -4.44
C ASP F 133 -17.23 32.47 -4.92
N SER F 134 -18.46 32.92 -5.31
CA SER F 134 -18.75 34.24 -5.86
C SER F 134 -18.53 35.35 -4.83
N LYS F 135 -18.44 34.97 -3.53
CA LYS F 135 -17.96 35.79 -2.43
C LYS F 135 -16.46 36.07 -2.55
N ILE F 136 -15.60 35.05 -2.44
CA ILE F 136 -14.14 35.20 -2.46
C ILE F 136 -13.63 35.75 -3.81
N PHE F 137 -14.16 35.29 -4.96
CA PHE F 137 -13.58 35.59 -6.28
C PHE F 137 -14.64 36.20 -7.20
N PHE F 138 -14.22 37.18 -8.00
CA PHE F 138 -14.98 37.67 -9.14
C PHE F 138 -14.07 37.53 -10.38
N ILE F 139 -14.64 37.15 -11.54
CA ILE F 139 -13.86 37.07 -12.77
C ILE F 139 -14.31 38.12 -13.77
N LYS F 140 -13.36 38.94 -14.24
CA LYS F 140 -13.61 39.94 -15.27
C LYS F 140 -13.48 39.29 -16.65
N GLY F 141 -14.48 39.50 -17.51
CA GLY F 141 -14.44 39.01 -18.88
C GLY F 141 -15.59 38.05 -19.17
N PRO F 142 -15.80 37.62 -20.44
CA PRO F 142 -16.90 36.74 -20.81
C PRO F 142 -16.88 35.32 -20.21
N ALA F 143 -18.06 34.78 -19.90
CA ALA F 143 -18.22 33.37 -19.66
C ALA F 143 -18.67 32.66 -20.95
N LYS F 144 -17.77 32.58 -21.96
CA LYS F 144 -17.95 31.73 -23.13
C LYS F 144 -17.36 30.36 -22.86
N GLU F 145 -17.62 29.37 -23.73
CA GLU F 145 -16.85 28.15 -23.80
C GLU F 145 -15.47 28.53 -24.34
N ASN F 146 -14.49 27.68 -23.98
CA ASN F 146 -13.09 27.97 -24.24
C ASN F 146 -12.69 29.27 -23.55
N SER F 147 -13.26 29.46 -22.34
CA SER F 147 -12.77 30.49 -21.43
C SER F 147 -12.08 29.82 -20.27
N CYS F 148 -10.83 30.27 -20.01
CA CYS F 148 -9.99 29.84 -18.91
C CYS F 148 -9.54 31.08 -18.12
N ALA F 149 -9.21 30.90 -16.85
CA ALA F 149 -8.91 32.01 -15.97
C ALA F 149 -7.39 32.26 -15.89
N ALA F 150 -7.02 33.54 -15.75
CA ALA F 150 -5.64 33.98 -15.60
C ALA F 150 -5.54 35.11 -14.58
N ILE F 151 -4.47 35.15 -13.77
CA ILE F 151 -4.19 36.26 -12.87
C ILE F 151 -3.32 37.25 -13.61
N LYS F 152 -3.68 38.54 -13.47
CA LYS F 152 -3.00 39.68 -14.06
C LYS F 152 -3.36 40.85 -13.14
N GLU F 153 -2.34 41.68 -12.83
CA GLU F 153 -2.35 42.58 -11.67
C GLU F 153 -2.73 41.68 -10.46
N SER F 154 -3.83 42.01 -9.81
CA SER F 154 -4.30 41.10 -8.77
C SER F 154 -5.73 40.65 -9.03
N LYS F 155 -6.11 40.65 -10.33
CA LYS F 155 -7.46 40.31 -10.73
C LYS F 155 -7.46 38.99 -11.51
N ILE F 156 -8.64 38.36 -11.56
CA ILE F 156 -8.79 37.15 -12.35
C ILE F 156 -9.54 37.50 -13.63
N PHE F 157 -8.95 37.16 -14.78
CA PHE F 157 -9.51 37.46 -16.07
C PHE F 157 -9.88 36.18 -16.80
N SER F 158 -11.06 36.19 -17.45
CA SER F 158 -11.43 35.24 -18.48
C SER F 158 -10.63 35.59 -19.74
N GLU F 159 -9.87 34.60 -20.21
CA GLU F 159 -9.17 34.67 -21.48
C GLU F 159 -9.45 33.39 -22.28
N THR F 160 -9.10 33.40 -23.56
CA THR F 160 -9.36 32.22 -24.37
C THR F 160 -8.23 31.22 -24.14
N CYS F 161 -8.59 29.93 -24.27
CA CYS F 161 -7.80 28.82 -23.76
C CYS F 161 -6.56 28.61 -24.58
N SER F 162 -6.51 29.26 -25.74
CA SER F 162 -5.48 29.07 -26.73
C SER F 162 -4.40 30.13 -26.61
N SER F 163 -4.64 31.19 -25.81
CA SER F 163 -3.62 32.21 -25.56
C SER F 163 -2.56 31.63 -24.62
N VAL F 164 -1.37 32.23 -24.68
CA VAL F 164 -0.13 31.56 -24.32
C VAL F 164 0.55 32.32 -23.18
N PHE F 165 0.32 31.85 -21.96
CA PHE F 165 0.75 32.58 -20.77
C PHE F 165 1.70 31.71 -19.95
N LYS F 166 2.43 32.34 -19.00
CA LYS F 166 2.96 31.62 -17.85
C LYS F 166 1.84 30.94 -17.07
N TRP F 167 2.19 29.93 -16.27
CA TRP F 167 1.22 29.22 -15.44
C TRP F 167 1.83 28.82 -14.10
N ILE F 168 0.97 28.36 -13.16
CA ILE F 168 1.40 27.86 -11.87
C ILE F 168 0.92 26.43 -11.69
N CYS F 169 1.85 25.50 -11.32
CA CYS F 169 1.54 24.16 -10.85
C CYS F 169 1.45 24.09 -9.33
N GLN F 170 0.64 23.17 -8.81
CA GLN F 170 0.39 23.05 -7.37
C GLN F 170 0.16 21.57 -7.05
N TYR F 171 0.62 21.11 -5.86
CA TYR F 171 0.25 19.80 -5.34
C TYR F 171 0.33 19.80 -3.82
N GLY F 172 -0.43 18.88 -3.18
CA GLY F 172 -0.62 18.88 -1.74
C GLY F 172 0.05 17.65 -1.12
N THR F 173 -0.48 17.21 0.06
CA THR F 173 -0.28 15.97 0.87
C THR F 173 0.99 16.03 1.75
N LEU G 53 -7.69 -4.80 16.88
CA LEU G 53 -7.84 -6.15 17.55
C LEU G 53 -6.48 -6.84 17.80
N CYS G 54 -6.14 -7.23 19.04
CA CYS G 54 -4.75 -7.58 19.33
C CYS G 54 -4.49 -9.04 19.03
N GLN G 55 -3.21 -9.41 18.71
CA GLN G 55 -2.75 -10.80 18.52
C GLN G 55 -3.28 -11.61 19.71
N SER G 56 -3.63 -12.85 19.49
CA SER G 56 -4.36 -13.55 20.53
C SER G 56 -3.50 -13.65 21.77
N GLU G 57 -4.12 -13.54 22.96
CA GLU G 57 -3.40 -13.60 24.24
C GLU G 57 -2.60 -12.31 24.51
N TRP G 58 -2.82 -11.22 23.79
CA TRP G 58 -2.28 -9.92 24.17
C TRP G 58 -3.38 -9.07 24.77
N LEU G 59 -3.04 -8.17 25.71
CA LEU G 59 -3.99 -7.23 26.28
C LEU G 59 -3.97 -5.92 25.50
N LYS G 60 -5.16 -5.35 25.36
CA LYS G 60 -5.30 -4.07 24.69
C LYS G 60 -5.51 -3.01 25.75
N TYR G 61 -4.78 -1.90 25.62
CA TYR G 61 -5.05 -0.70 26.42
C TYR G 61 -4.72 0.54 25.61
N GLN G 62 -5.75 1.40 25.43
CA GLN G 62 -5.61 2.66 24.72
C GLN G 62 -4.87 2.47 23.39
N GLY G 63 -5.38 1.58 22.54
CA GLY G 63 -4.89 1.44 21.18
C GLY G 63 -3.51 0.82 21.05
N LYS G 64 -2.90 0.39 22.17
CA LYS G 64 -1.65 -0.36 22.21
C LYS G 64 -1.97 -1.79 22.69
N CYS G 65 -1.11 -2.74 22.28
CA CYS G 65 -1.23 -4.12 22.73
C CYS G 65 0.00 -4.57 23.48
N TYR G 66 -0.25 -5.31 24.55
CA TYR G 66 0.79 -5.63 25.51
C TYR G 66 0.82 -7.13 25.64
N TRP G 67 2.03 -7.68 25.75
CA TRP G 67 2.26 -9.09 26.04
C TRP G 67 3.22 -9.20 27.22
N PHE G 68 2.74 -9.85 28.28
CA PHE G 68 3.43 -10.06 29.52
C PHE G 68 3.94 -11.51 29.56
N SER G 69 5.24 -11.72 29.71
CA SER G 69 5.85 -13.01 29.45
C SER G 69 5.67 -13.95 30.62
N ASN G 70 5.79 -15.26 30.33
CA ASN G 70 5.91 -16.25 31.38
C ASN G 70 7.34 -16.69 31.51
N GLU G 71 8.02 -16.85 30.36
CA GLU G 71 9.45 -17.11 30.30
C GLU G 71 10.23 -15.91 30.88
N MET G 72 11.51 -16.13 31.21
CA MET G 72 12.46 -15.08 31.57
C MET G 72 13.69 -15.15 30.67
N LYS G 73 14.31 -13.98 30.38
CA LYS G 73 15.53 -13.94 29.58
C LYS G 73 16.28 -12.63 29.74
N SER G 74 17.49 -12.61 29.15
CA SER G 74 18.28 -11.40 29.14
C SER G 74 17.53 -10.31 28.39
N TRP G 75 17.87 -9.06 28.72
CA TRP G 75 17.25 -7.93 28.06
C TRP G 75 17.38 -8.07 26.55
N SER G 76 18.59 -8.31 26.01
CA SER G 76 18.80 -8.55 24.58
C SER G 76 17.91 -9.67 24.02
N ASP G 77 17.86 -10.81 24.72
CA ASP G 77 17.06 -11.95 24.26
C ASP G 77 15.58 -11.59 24.23
N SER G 78 15.13 -10.84 25.25
CA SER G 78 13.76 -10.37 25.36
C SER G 78 13.46 -9.45 24.19
N TYR G 79 14.35 -8.49 23.96
CA TYR G 79 14.22 -7.55 22.86
C TYR G 79 14.11 -8.28 21.53
N VAL G 80 14.92 -9.34 21.33
CA VAL G 80 14.83 -10.07 20.08
C VAL G 80 13.44 -10.65 19.96
N TYR G 81 12.94 -11.24 21.06
CA TYR G 81 11.62 -11.86 21.13
C TYR G 81 10.56 -10.87 20.65
N CYS G 82 10.59 -9.64 21.15
CA CYS G 82 9.62 -8.64 20.76
C CYS G 82 9.78 -8.27 19.29
N LEU G 83 11.02 -8.03 18.85
CA LEU G 83 11.30 -7.58 17.50
C LEU G 83 10.79 -8.60 16.52
N GLU G 84 11.06 -9.88 16.76
CA GLU G 84 10.65 -10.96 15.87
C GLU G 84 9.13 -10.98 15.72
N ARG G 85 8.43 -10.51 16.76
CA ARG G 85 6.98 -10.48 16.79
C ARG G 85 6.44 -9.12 16.39
N LYS G 86 7.21 -8.35 15.59
CA LYS G 86 6.89 -7.03 15.07
C LYS G 86 6.42 -6.14 16.23
N SER G 87 7.12 -6.12 17.36
CA SER G 87 6.79 -5.25 18.48
C SER G 87 8.09 -4.83 19.18
N HIS G 88 8.01 -4.18 20.34
CA HIS G 88 9.22 -3.80 21.07
C HIS G 88 9.00 -3.97 22.57
N LEU G 89 10.07 -3.87 23.37
CA LEU G 89 9.92 -3.83 24.81
C LEU G 89 9.17 -2.56 25.21
N LEU G 90 8.41 -2.68 26.30
CA LEU G 90 7.40 -1.75 26.80
C LEU G 90 7.99 -0.36 26.97
N ILE G 91 7.40 0.64 26.33
CA ILE G 91 7.69 2.05 26.51
C ILE G 91 6.52 2.67 27.28
N ILE G 92 6.81 3.23 28.45
CA ILE G 92 5.75 3.84 29.25
C ILE G 92 5.63 5.32 28.92
N HIS G 93 4.48 5.68 28.35
CA HIS G 93 4.22 7.02 27.82
C HIS G 93 3.86 7.99 28.94
N ASP G 94 3.12 7.51 29.96
CA ASP G 94 2.56 8.33 31.02
C ASP G 94 2.19 7.51 32.25
N GLN G 95 1.72 8.22 33.26
CA GLN G 95 1.41 7.69 34.58
C GLN G 95 0.25 6.70 34.48
N LEU G 96 -0.72 7.01 33.61
CA LEU G 96 -1.95 6.22 33.52
C LEU G 96 -1.65 4.83 32.93
N GLU G 97 -0.76 4.79 31.93
CA GLU G 97 -0.22 3.57 31.33
C GLU G 97 0.57 2.78 32.37
N MET G 98 1.31 3.50 33.22
CA MET G 98 2.02 2.88 34.33
C MET G 98 1.03 2.07 35.21
N ALA G 99 -0.09 2.72 35.57
CA ALA G 99 -1.21 2.16 36.32
C ALA G 99 -1.71 0.86 35.71
N PHE G 100 -1.94 0.88 34.39
CA PHE G 100 -2.40 -0.28 33.63
C PHE G 100 -1.44 -1.44 33.78
N ILE G 101 -0.12 -1.18 33.57
CA ILE G 101 0.92 -2.18 33.66
C ILE G 101 0.88 -2.82 35.06
N GLN G 102 0.78 -1.98 36.09
CA GLN G 102 0.78 -2.38 37.48
C GLN G 102 -0.33 -3.36 37.82
N LYS G 103 -1.54 -3.10 37.29
CA LYS G 103 -2.69 -3.98 37.47
C LYS G 103 -2.43 -5.38 36.91
N ASN G 104 -1.56 -5.50 35.89
CA ASN G 104 -1.37 -6.77 35.18
C ASN G 104 -0.05 -7.47 35.50
N LEU G 105 0.55 -7.05 36.61
CA LEU G 105 1.78 -7.61 37.13
C LEU G 105 1.48 -8.17 38.52
N ARG G 106 1.88 -9.44 38.73
CA ARG G 106 2.21 -9.92 40.07
C ARG G 106 3.50 -9.23 40.48
N GLN G 107 3.40 -8.44 41.58
CA GLN G 107 4.51 -7.77 42.20
C GLN G 107 5.42 -8.87 42.73
N LEU G 108 6.61 -8.47 43.19
CA LEU G 108 7.69 -9.40 43.55
C LEU G 108 8.18 -10.07 42.26
N ASN G 109 8.25 -9.27 41.19
CA ASN G 109 8.81 -9.75 39.94
C ASN G 109 9.52 -8.62 39.20
N TYR G 110 10.79 -8.82 38.91
CA TYR G 110 11.49 -7.96 37.95
C TYR G 110 11.00 -8.23 36.55
N VAL G 111 10.69 -7.13 35.84
CA VAL G 111 10.17 -7.19 34.48
C VAL G 111 10.91 -6.17 33.62
N TRP G 112 11.63 -6.70 32.62
CA TRP G 112 12.36 -5.91 31.65
C TRP G 112 11.41 -4.98 30.93
N ILE G 113 11.88 -3.75 30.75
CA ILE G 113 11.12 -2.79 29.96
C ILE G 113 12.03 -2.19 28.88
N GLY G 114 11.50 -1.49 27.90
CA GLY G 114 12.31 -1.02 26.78
C GLY G 114 13.06 0.28 27.06
N LEU G 115 13.92 0.25 28.09
CA LEU G 115 14.66 1.40 28.52
C LEU G 115 16.07 0.92 28.89
N ASN G 116 17.09 1.62 28.42
CA ASN G 116 18.44 1.19 28.70
C ASN G 116 19.37 2.39 28.71
N PHE G 117 20.57 2.15 29.22
CA PHE G 117 21.60 3.15 29.29
C PHE G 117 22.51 2.94 28.09
N THR G 118 22.33 3.85 27.11
CA THR G 118 22.93 3.83 25.80
C THR G 118 24.45 3.85 25.95
N SER G 119 24.98 4.95 26.53
CA SER G 119 26.37 5.28 26.60
C SER G 119 26.96 5.45 25.19
N LEU G 120 26.15 5.98 24.29
CA LEU G 120 26.68 6.75 23.20
C LEU G 120 26.18 8.17 23.42
N LYS G 121 24.89 8.32 23.66
CA LYS G 121 24.28 9.58 24.09
C LYS G 121 24.34 9.71 25.61
N MET G 122 24.70 8.60 26.30
CA MET G 122 25.15 8.58 27.69
C MET G 122 24.09 9.13 28.63
N THR G 123 22.84 8.85 28.27
CA THR G 123 21.65 9.06 29.08
C THR G 123 20.80 7.82 28.91
N TRP G 124 19.79 7.66 29.78
CA TRP G 124 18.81 6.62 29.50
C TRP G 124 17.91 7.06 28.36
N THR G 125 17.80 6.21 27.34
CA THR G 125 16.83 6.38 26.27
C THR G 125 15.91 5.15 26.24
N TRP G 126 14.64 5.42 25.97
CA TRP G 126 13.68 4.42 25.57
C TRP G 126 14.11 3.86 24.25
N VAL G 127 13.56 2.69 23.96
CA VAL G 127 13.84 1.91 22.77
C VAL G 127 13.37 2.64 21.49
N ASP G 128 12.37 3.56 21.64
CA ASP G 128 11.92 4.60 20.74
C ASP G 128 13.08 5.45 20.21
N GLY G 129 14.03 5.78 21.10
CA GLY G 129 15.09 6.75 20.86
C GLY G 129 14.86 8.09 21.56
N SER G 130 13.70 8.23 22.21
CA SER G 130 13.45 9.41 23.02
C SER G 130 14.06 9.16 24.40
N PRO G 131 14.83 10.14 24.92
CA PRO G 131 15.38 10.06 26.28
C PRO G 131 14.29 10.21 27.33
N ILE G 132 14.54 9.74 28.57
CA ILE G 132 13.54 9.65 29.62
C ILE G 132 13.23 11.03 30.17
N ASP G 133 11.96 11.26 30.55
CA ASP G 133 11.57 12.46 31.28
C ASP G 133 11.79 12.25 32.78
N SER G 134 12.83 12.94 33.32
CA SER G 134 13.29 12.89 34.70
C SER G 134 12.26 13.44 35.68
N LYS G 135 11.26 14.18 35.17
CA LYS G 135 10.04 14.56 35.85
C LYS G 135 9.12 13.37 36.08
N ILE G 136 8.59 12.74 35.01
CA ILE G 136 7.63 11.63 35.10
C ILE G 136 8.25 10.39 35.80
N PHE G 137 9.51 10.03 35.46
CA PHE G 137 10.11 8.78 35.94
C PHE G 137 11.41 9.06 36.67
N PHE G 138 11.64 8.31 37.75
CA PHE G 138 12.96 8.20 38.38
C PHE G 138 13.39 6.74 38.23
N ILE G 139 14.68 6.54 37.97
CA ILE G 139 15.29 5.22 38.02
C ILE G 139 16.22 5.11 39.23
N LYS G 140 15.97 4.08 40.06
CA LYS G 140 16.84 3.74 41.17
C LYS G 140 17.98 2.86 40.64
N GLY G 141 19.23 3.24 40.99
CA GLY G 141 20.39 2.45 40.64
C GLY G 141 21.36 3.15 39.69
N PRO G 142 22.58 2.61 39.49
CA PRO G 142 23.63 3.23 38.69
C PRO G 142 23.31 3.33 37.18
N ALA G 143 23.80 4.42 36.59
CA ALA G 143 23.85 4.60 35.17
C ALA G 143 25.23 4.17 34.65
N LYS G 144 25.51 2.84 34.69
CA LYS G 144 26.67 2.26 34.02
C LYS G 144 26.28 1.87 32.59
N GLU G 145 27.28 1.54 31.76
CA GLU G 145 26.99 0.81 30.53
C GLU G 145 26.57 -0.59 30.89
N ASN G 146 25.80 -1.23 30.00
CA ASN G 146 25.18 -2.50 30.31
C ASN G 146 24.23 -2.36 31.51
N SER G 147 23.57 -1.19 31.58
CA SER G 147 22.43 -1.02 32.46
C SER G 147 21.16 -0.92 31.63
N CYS G 148 20.19 -1.75 31.97
CA CYS G 148 18.84 -1.82 31.41
C CYS G 148 17.81 -1.68 32.54
N ALA G 149 16.62 -1.22 32.21
CA ALA G 149 15.62 -0.91 33.23
C ALA G 149 14.65 -2.07 33.41
N ALA G 150 14.21 -2.24 34.67
CA ALA G 150 13.22 -3.26 35.02
C ALA G 150 12.25 -2.71 36.03
N ILE G 151 10.96 -3.08 35.87
CA ILE G 151 9.92 -2.67 36.81
C ILE G 151 9.84 -3.77 37.86
N LYS G 152 9.70 -3.31 39.11
CA LYS G 152 9.31 -4.10 40.25
C LYS G 152 8.50 -3.16 41.13
N GLU G 153 7.28 -3.57 41.48
CA GLU G 153 6.45 -2.85 42.44
C GLU G 153 6.29 -1.38 42.09
N SER G 154 6.15 -1.03 40.83
CA SER G 154 5.96 0.34 40.38
C SER G 154 7.17 1.26 40.49
N LYS G 155 8.34 0.69 40.79
CA LYS G 155 9.61 1.40 40.64
C LYS G 155 10.38 0.88 39.44
N ILE G 156 11.20 1.77 38.87
CA ILE G 156 12.09 1.35 37.79
C ILE G 156 13.50 1.26 38.37
N PHE G 157 14.13 0.09 38.18
CA PHE G 157 15.47 -0.18 38.67
C PHE G 157 16.42 -0.38 37.50
N SER G 158 17.64 0.17 37.65
CA SER G 158 18.78 -0.19 36.83
C SER G 158 19.27 -1.57 37.25
N GLU G 159 19.32 -2.48 36.27
CA GLU G 159 19.87 -3.82 36.42
C GLU G 159 20.84 -4.09 35.28
N THR G 160 21.66 -5.13 35.40
CA THR G 160 22.58 -5.44 34.32
C THR G 160 21.86 -6.24 33.23
N CYS G 161 22.34 -6.06 31.99
CA CYS G 161 21.59 -6.41 30.80
C CYS G 161 21.48 -7.91 30.59
N SER G 162 22.31 -8.61 31.36
CA SER G 162 22.52 -10.04 31.22
C SER G 162 21.68 -10.81 32.24
N SER G 163 21.08 -10.11 33.23
CA SER G 163 20.16 -10.76 34.15
C SER G 163 18.84 -11.10 33.48
N VAL G 164 18.13 -12.09 34.04
CA VAL G 164 17.19 -12.90 33.29
C VAL G 164 15.79 -12.77 33.90
N PHE G 165 14.99 -11.89 33.33
CA PHE G 165 13.72 -11.55 33.93
C PHE G 165 12.60 -11.85 32.93
N LYS G 166 11.36 -11.88 33.43
CA LYS G 166 10.18 -11.66 32.58
C LYS G 166 10.27 -10.29 31.90
N TRP G 167 9.52 -10.14 30.80
CA TRP G 167 9.52 -8.89 30.04
C TRP G 167 8.12 -8.61 29.48
N ILE G 168 7.89 -7.39 28.99
CA ILE G 168 6.67 -6.98 28.36
C ILE G 168 6.98 -6.49 26.94
N CYS G 169 6.23 -7.05 25.95
CA CYS G 169 6.19 -6.56 24.58
C CYS G 169 5.01 -5.61 24.37
N GLN G 170 5.16 -4.67 23.43
CA GLN G 170 4.16 -3.63 23.19
C GLN G 170 4.17 -3.29 21.70
N TYR G 171 2.97 -3.01 21.13
CA TYR G 171 2.89 -2.45 19.78
C TYR G 171 1.60 -1.64 19.62
N GLY G 172 1.58 -0.69 18.68
CA GLY G 172 0.34 -0.02 18.34
C GLY G 172 0.22 0.01 16.84
N THR G 173 -1.02 -0.17 16.35
CA THR G 173 -1.64 0.51 15.21
C THR G 173 -0.63 1.05 14.16
N THR H 51 18.90 -1.68 -10.51
CA THR H 51 18.06 -0.50 -10.15
C THR H 51 17.14 -0.88 -8.97
N VAL H 52 17.74 -1.23 -7.84
CA VAL H 52 17.19 -1.19 -6.47
C VAL H 52 18.33 -0.99 -5.46
N LEU H 53 18.52 0.23 -4.93
CA LEU H 53 19.71 0.65 -4.20
C LEU H 53 19.88 0.02 -2.80
N CYS H 54 21.08 -0.43 -2.44
CA CYS H 54 21.31 -0.82 -1.04
C CYS H 54 21.59 0.40 -0.18
N GLN H 55 21.25 0.33 1.14
CA GLN H 55 21.60 1.33 2.17
C GLN H 55 23.07 1.66 1.96
N SER H 56 23.43 2.94 2.15
CA SER H 56 24.79 3.29 1.80
C SER H 56 25.77 2.46 2.65
N GLU H 57 26.91 2.09 2.05
CA GLU H 57 27.94 1.30 2.69
C GLU H 57 27.55 -0.17 2.81
N TRP H 58 26.49 -0.65 2.14
CA TRP H 58 26.23 -2.09 2.07
C TRP H 58 26.64 -2.61 0.71
N LEU H 59 27.01 -3.90 0.61
CA LEU H 59 27.30 -4.54 -0.65
C LEU H 59 26.08 -5.21 -1.23
N LYS H 60 25.95 -5.10 -2.55
CA LYS H 60 24.85 -5.77 -3.22
C LYS H 60 25.41 -7.00 -3.91
N TYR H 61 24.71 -8.14 -3.74
CA TYR H 61 25.02 -9.34 -4.49
C TYR H 61 23.71 -10.08 -4.74
N GLN H 62 23.41 -10.28 -6.04
CA GLN H 62 22.20 -10.95 -6.50
C GLN H 62 20.96 -10.51 -5.72
N GLY H 63 20.70 -9.21 -5.73
CA GLY H 63 19.45 -8.67 -5.20
C GLY H 63 19.30 -8.73 -3.68
N LYS H 64 20.34 -9.16 -2.98
CA LYS H 64 20.47 -9.08 -1.53
C LYS H 64 21.54 -8.04 -1.18
N CYS H 65 21.42 -7.44 0.02
CA CYS H 65 22.41 -6.49 0.51
C CYS H 65 23.03 -7.01 1.79
N TYR H 66 24.35 -6.80 1.88
CA TYR H 66 25.15 -7.40 2.92
C TYR H 66 25.88 -6.28 3.64
N TRP H 67 25.97 -6.43 4.96
CA TRP H 67 26.78 -5.56 5.79
C TRP H 67 27.67 -6.39 6.70
N PHE H 68 28.99 -6.16 6.57
CA PHE H 68 30.01 -6.91 7.31
C PHE H 68 30.53 -6.00 8.42
N SER H 69 30.48 -6.46 9.68
CA SER H 69 30.71 -5.56 10.80
C SER H 69 32.20 -5.38 11.04
N ASN H 70 32.53 -4.29 11.73
CA ASN H 70 33.87 -4.11 12.24
C ASN H 70 33.88 -4.38 13.73
N GLU H 71 32.83 -3.91 14.43
CA GLU H 71 32.54 -4.18 15.83
C GLU H 71 32.30 -5.67 16.03
N MET H 72 32.37 -6.13 17.28
CA MET H 72 32.04 -7.50 17.68
C MET H 72 31.02 -7.52 18.81
N LYS H 73 30.15 -8.53 18.86
CA LYS H 73 29.15 -8.66 19.93
C LYS H 73 28.58 -10.07 20.04
N SER H 74 27.81 -10.29 21.12
CA SER H 74 27.11 -11.55 21.29
C SER H 74 26.16 -11.78 20.13
N TRP H 75 25.86 -13.05 19.88
CA TRP H 75 24.95 -13.41 18.81
C TRP H 75 23.64 -12.65 18.94
N SER H 76 23.00 -12.68 20.12
CA SER H 76 21.76 -11.91 20.39
C SER H 76 21.92 -10.42 20.09
N ASP H 77 23.02 -9.82 20.56
CA ASP H 77 23.27 -8.39 20.36
C ASP H 77 23.44 -8.10 18.87
N SER H 78 24.13 -8.99 18.16
CA SER H 78 24.33 -8.91 16.71
C SER H 78 22.99 -8.95 16.02
N TYR H 79 22.18 -9.95 16.38
CA TYR H 79 20.85 -10.12 15.85
C TYR H 79 20.00 -8.87 16.07
N VAL H 80 20.10 -8.26 17.25
CA VAL H 80 19.34 -7.05 17.51
C VAL H 80 19.76 -5.98 16.53
N TYR H 81 21.06 -5.85 16.35
CA TYR H 81 21.67 -4.86 15.46
C TYR H 81 21.05 -4.98 14.07
N CYS H 82 20.98 -6.22 13.56
CA CYS H 82 20.42 -6.44 12.24
C CYS H 82 18.93 -6.10 12.22
N LEU H 83 18.18 -6.58 13.21
CA LEU H 83 16.74 -6.43 13.27
C LEU H 83 16.38 -4.96 13.28
N GLU H 84 17.07 -4.17 14.09
CA GLU H 84 16.81 -2.75 14.20
C GLU H 84 17.03 -2.05 12.87
N ARG H 85 17.89 -2.62 12.03
CA ARG H 85 18.21 -2.07 10.72
C ARG H 85 17.38 -2.73 9.62
N LYS H 86 16.22 -3.29 9.98
CA LYS H 86 15.28 -3.97 9.08
C LYS H 86 16.04 -5.01 8.26
N SER H 87 16.88 -5.83 8.89
CA SER H 87 17.59 -6.93 8.22
C SER H 87 17.76 -8.09 9.18
N HIS H 88 18.54 -9.13 8.83
CA HIS H 88 18.76 -10.25 9.75
C HIS H 88 20.20 -10.73 9.61
N LEU H 89 20.61 -11.61 10.54
CA LEU H 89 21.90 -12.28 10.37
C LEU H 89 21.90 -13.15 9.14
N LEU H 90 23.09 -13.24 8.52
CA LEU H 90 23.34 -13.76 7.18
C LEU H 90 22.84 -15.18 7.10
N ILE H 91 21.97 -15.44 6.10
CA ILE H 91 21.53 -16.79 5.74
C ILE H 91 22.19 -17.13 4.41
N ILE H 92 22.97 -18.22 4.39
CA ILE H 92 23.62 -18.63 3.15
C ILE H 92 22.73 -19.61 2.40
N HIS H 93 22.27 -19.16 1.21
CA HIS H 93 21.27 -19.87 0.42
C HIS H 93 21.91 -21.02 -0.36
N ASP H 94 23.15 -20.81 -0.87
CA ASP H 94 23.83 -21.72 -1.77
C ASP H 94 25.34 -21.48 -1.78
N GLN H 95 26.02 -22.31 -2.55
CA GLN H 95 27.47 -22.36 -2.64
C GLN H 95 28.01 -21.08 -3.24
N LEU H 96 27.29 -20.50 -4.21
CA LEU H 96 27.75 -19.33 -4.95
C LEU H 96 27.77 -18.11 -4.02
N GLU H 97 26.74 -17.98 -3.17
CA GLU H 97 26.62 -16.97 -2.14
C GLU H 97 27.73 -17.16 -1.10
N MET H 98 28.04 -18.43 -0.80
CA MET H 98 29.17 -18.75 0.07
C MET H 98 30.45 -18.11 -0.45
N ALA H 99 30.72 -18.30 -1.76
CA ALA H 99 31.83 -17.74 -2.53
C ALA H 99 31.94 -16.24 -2.32
N PHE H 100 30.80 -15.53 -2.51
CA PHE H 100 30.72 -14.10 -2.35
C PHE H 100 31.13 -13.67 -0.94
N ILE H 101 30.57 -14.33 0.09
CA ILE H 101 30.87 -14.06 1.50
C ILE H 101 32.38 -14.20 1.74
N GLN H 102 32.95 -15.29 1.23
CA GLN H 102 34.34 -15.64 1.45
C GLN H 102 35.29 -14.59 0.89
N LYS H 103 34.95 -14.02 -0.29
CA LYS H 103 35.70 -12.91 -0.89
C LYS H 103 35.78 -11.70 0.05
N ASN H 104 34.80 -11.50 0.96
CA ASN H 104 34.75 -10.28 1.78
C ASN H 104 35.16 -10.51 3.23
N LEU H 105 35.73 -11.68 3.52
CA LEU H 105 36.09 -12.07 4.88
C LEU H 105 37.59 -12.31 4.99
N ARG H 106 38.21 -11.59 5.95
CA ARG H 106 39.51 -11.97 6.49
C ARG H 106 39.29 -13.23 7.32
N GLN H 107 39.99 -14.29 6.92
CA GLN H 107 40.12 -15.54 7.65
C GLN H 107 40.80 -15.23 8.97
N LEU H 108 40.81 -16.22 9.89
CA LEU H 108 41.31 -16.06 11.27
C LEU H 108 40.38 -15.09 12.01
N ASN H 109 39.08 -15.18 11.73
CA ASN H 109 38.09 -14.33 12.34
C ASN H 109 36.78 -15.10 12.42
N TYR H 110 36.29 -15.33 13.63
CA TYR H 110 34.94 -15.81 13.83
C TYR H 110 33.94 -14.71 13.45
N VAL H 111 32.93 -15.10 12.65
CA VAL H 111 31.87 -14.21 12.18
C VAL H 111 30.52 -14.89 12.37
N TRP H 112 29.70 -14.32 13.25
CA TRP H 112 28.36 -14.80 13.54
C TRP H 112 27.55 -14.77 12.26
N ILE H 113 26.76 -15.84 12.10
CA ILE H 113 25.88 -16.01 10.98
C ILE H 113 24.47 -16.30 11.53
N GLY H 114 23.42 -16.17 10.70
CA GLY H 114 22.07 -16.37 11.20
C GLY H 114 21.63 -17.83 11.36
N LEU H 115 22.30 -18.58 12.24
CA LEU H 115 22.09 -20.03 12.36
C LEU H 115 22.29 -20.39 13.82
N ASN H 116 21.40 -21.19 14.40
CA ASN H 116 21.53 -21.53 15.80
C ASN H 116 20.83 -22.85 16.11
N PHE H 117 21.10 -23.37 17.32
CA PHE H 117 20.58 -24.67 17.70
C PHE H 117 19.30 -24.49 18.52
N THR H 118 18.17 -24.85 17.89
CA THR H 118 16.83 -24.74 18.44
C THR H 118 16.70 -25.53 19.74
N SER H 119 16.77 -26.85 19.61
CA SER H 119 16.45 -27.80 20.69
C SER H 119 14.97 -27.73 21.08
N LEU H 120 14.11 -27.39 20.14
CA LEU H 120 12.73 -27.81 20.22
C LEU H 120 12.49 -28.80 19.08
N LYS H 121 12.91 -28.43 17.87
CA LYS H 121 13.02 -29.35 16.74
C LYS H 121 14.37 -30.09 16.76
N MET H 122 15.28 -29.65 17.64
CA MET H 122 16.49 -30.34 18.05
C MET H 122 17.43 -30.51 16.86
N THR H 123 17.38 -29.53 15.95
CA THR H 123 18.30 -29.43 14.82
C THR H 123 18.73 -27.97 14.71
N TRP H 124 19.77 -27.73 13.92
CA TRP H 124 20.11 -26.37 13.58
C TRP H 124 19.11 -25.87 12.55
N THR H 125 18.53 -24.70 12.86
CA THR H 125 17.73 -23.95 11.90
C THR H 125 18.37 -22.57 11.68
N TRP H 126 18.30 -22.12 10.44
CA TRP H 126 18.57 -20.74 10.07
C TRP H 126 17.50 -19.87 10.73
N VAL H 127 17.82 -18.59 10.79
CA VAL H 127 17.02 -17.53 11.35
C VAL H 127 15.68 -17.35 10.60
N ASP H 128 15.65 -17.75 9.31
CA ASP H 128 14.49 -17.99 8.45
C ASP H 128 13.47 -18.91 9.10
N GLY H 129 13.94 -19.96 9.79
CA GLY H 129 13.14 -21.07 10.27
C GLY H 129 13.31 -22.34 9.41
N SER H 130 14.08 -22.22 8.32
CA SER H 130 14.39 -23.39 7.51
C SER H 130 15.56 -24.12 8.13
N PRO H 131 15.46 -25.46 8.32
CA PRO H 131 16.57 -26.25 8.87
C PRO H 131 17.68 -26.42 7.84
N ILE H 132 18.93 -26.75 8.29
CA ILE H 132 20.07 -26.77 7.37
C ILE H 132 20.03 -28.02 6.50
N ASP H 133 20.54 -27.90 5.27
CA ASP H 133 20.82 -29.02 4.37
C ASP H 133 22.19 -29.64 4.71
N SER H 134 22.16 -30.87 5.28
CA SER H 134 23.31 -31.65 5.73
C SER H 134 24.24 -32.05 4.58
N LYS H 135 23.72 -31.98 3.33
CA LYS H 135 24.47 -32.07 2.09
C LYS H 135 25.37 -30.84 1.90
N ILE H 136 24.76 -29.65 1.71
CA ILE H 136 25.46 -28.40 1.40
C ILE H 136 26.39 -27.97 2.54
N PHE H 137 25.95 -28.07 3.82
CA PHE H 137 26.69 -27.50 4.95
C PHE H 137 26.96 -28.55 6.02
N PHE H 138 28.16 -28.49 6.63
CA PHE H 138 28.52 -29.30 7.78
C PHE H 138 28.97 -28.35 8.88
N ILE H 139 28.60 -28.65 10.14
CA ILE H 139 28.99 -27.81 11.27
C ILE H 139 29.94 -28.60 12.18
N LYS H 140 31.11 -28.02 12.46
CA LYS H 140 32.04 -28.54 13.46
C LYS H 140 31.66 -27.99 14.84
N GLY H 141 31.54 -28.87 15.82
CA GLY H 141 31.40 -28.47 17.22
C GLY H 141 30.12 -29.00 17.85
N PRO H 142 29.93 -28.85 19.19
CA PRO H 142 28.77 -29.41 19.90
C PRO H 142 27.40 -28.84 19.52
N ALA H 143 26.39 -29.70 19.52
CA ALA H 143 25.03 -29.24 19.35
C ALA H 143 24.36 -29.19 20.72
N LYS H 144 24.79 -28.24 21.57
CA LYS H 144 24.12 -27.91 22.81
C LYS H 144 23.07 -26.83 22.57
N GLU H 145 22.25 -26.57 23.61
CA GLU H 145 21.51 -25.32 23.65
C GLU H 145 22.48 -24.19 23.89
N ASN H 146 22.08 -22.99 23.46
CA ASN H 146 22.97 -21.83 23.45
C ASN H 146 24.20 -22.12 22.60
N SER H 147 23.99 -22.84 21.50
CA SER H 147 24.94 -22.96 20.42
C SER H 147 24.42 -22.19 19.22
N CYS H 148 25.29 -21.31 18.71
CA CYS H 148 25.08 -20.47 17.54
C CYS H 148 26.24 -20.70 16.57
N ALA H 149 26.00 -20.45 15.29
CA ALA H 149 26.98 -20.75 14.26
C ALA H 149 27.81 -19.52 13.91
N ALA H 150 29.09 -19.76 13.60
CA ALA H 150 30.01 -18.74 13.13
C ALA H 150 30.86 -19.29 11.98
N ILE H 151 31.21 -18.43 11.02
CA ILE H 151 32.14 -18.77 9.95
C ILE H 151 33.54 -18.38 10.42
N LYS H 152 34.48 -19.30 10.16
CA LYS H 152 35.89 -19.16 10.45
C LYS H 152 36.58 -20.06 9.42
N GLU H 153 37.63 -19.50 8.78
CA GLU H 153 38.09 -19.88 7.46
C GLU H 153 36.86 -19.97 6.56
N SER H 154 36.59 -21.15 6.03
CA SER H 154 35.36 -21.29 5.26
C SER H 154 34.50 -22.40 5.83
N LYS H 155 34.64 -22.65 7.15
CA LYS H 155 33.86 -23.63 7.86
C LYS H 155 32.84 -22.96 8.79
N ILE H 156 31.84 -23.77 9.16
CA ILE H 156 30.87 -23.32 10.14
C ILE H 156 31.16 -24.01 11.45
N PHE H 157 31.32 -23.21 12.52
CA PHE H 157 31.58 -23.69 13.86
C PHE H 157 30.41 -23.40 14.77
N SER H 158 30.07 -24.38 15.61
CA SER H 158 29.26 -24.17 16.79
C SER H 158 30.09 -23.46 17.85
N GLU H 159 29.60 -22.31 18.31
CA GLU H 159 30.17 -21.57 19.43
C GLU H 159 29.03 -21.19 20.39
N THR H 160 29.36 -20.77 21.60
CA THR H 160 28.33 -20.36 22.54
C THR H 160 27.86 -18.93 22.25
N CYS H 161 26.58 -18.68 22.56
CA CYS H 161 25.85 -17.55 22.01
C CYS H 161 26.30 -16.24 22.63
N SER H 162 27.07 -16.37 23.71
CA SER H 162 27.51 -15.24 24.51
C SER H 162 28.89 -14.75 24.11
N SER H 163 29.61 -15.54 23.29
CA SER H 163 30.91 -15.09 22.77
C SER H 163 30.72 -14.02 21.71
N VAL H 164 31.77 -13.22 21.52
CA VAL H 164 31.64 -11.86 21.00
C VAL H 164 32.43 -11.70 19.71
N PHE H 165 31.72 -11.84 18.58
CA PHE H 165 32.38 -11.89 17.29
C PHE H 165 31.86 -10.77 16.40
N LYS H 166 32.58 -10.51 15.29
CA LYS H 166 32.00 -9.83 14.14
C LYS H 166 30.78 -10.61 13.62
N TRP H 167 29.90 -9.93 12.87
CA TRP H 167 28.73 -10.56 12.30
C TRP H 167 28.43 -9.96 10.91
N ILE H 168 27.53 -10.60 10.15
CA ILE H 168 27.07 -10.10 8.86
C ILE H 168 25.55 -9.93 8.88
N CYS H 169 25.07 -8.74 8.47
CA CYS H 169 23.66 -8.48 8.21
C CYS H 169 23.33 -8.67 6.74
N GLN H 170 22.06 -9.06 6.47
CA GLN H 170 21.61 -9.33 5.11
C GLN H 170 20.14 -8.93 4.99
N TYR H 171 19.75 -8.40 3.82
CA TYR H 171 18.32 -8.20 3.51
C TYR H 171 18.08 -8.26 2.00
N GLY H 172 16.84 -8.61 1.60
CA GLY H 172 16.51 -8.83 0.19
C GLY H 172 15.69 -7.67 -0.40
N THR H 173 15.21 -7.81 -1.66
CA THR H 173 14.87 -6.72 -2.58
C THR H 173 13.50 -6.98 -3.25
N THR I 51 3.83 0.97 -21.88
CA THR I 51 3.17 0.47 -20.65
C THR I 51 3.12 1.52 -19.54
N VAL I 52 4.21 2.30 -19.31
CA VAL I 52 4.44 3.15 -18.14
C VAL I 52 5.33 4.34 -18.50
N LEU I 53 4.81 5.57 -18.40
CA LEU I 53 5.43 6.80 -18.89
C LEU I 53 6.65 7.25 -18.05
N CYS I 54 7.74 7.68 -18.71
CA CYS I 54 8.82 8.39 -18.04
C CYS I 54 8.43 9.85 -17.76
N GLN I 55 9.04 10.45 -16.70
CA GLN I 55 8.98 11.89 -16.39
C GLN I 55 9.23 12.64 -17.70
N SER I 56 8.54 13.76 -17.90
CA SER I 56 8.62 14.37 -19.21
C SER I 56 10.07 14.75 -19.54
N GLU I 57 10.47 14.59 -20.79
CA GLU I 57 11.82 14.87 -21.27
C GLU I 57 12.85 13.85 -20.79
N TRP I 58 12.42 12.68 -20.32
CA TRP I 58 13.36 11.57 -20.10
C TRP I 58 13.25 10.56 -21.23
N LEU I 59 14.35 9.87 -21.56
CA LEU I 59 14.37 8.81 -22.57
C LEU I 59 14.13 7.46 -21.93
N LYS I 60 13.31 6.65 -22.62
CA LYS I 60 12.94 5.36 -22.04
C LYS I 60 13.69 4.31 -22.81
N TYR I 61 14.31 3.36 -22.08
CA TYR I 61 14.98 2.22 -22.70
C TYR I 61 14.88 1.03 -21.76
N GLN I 62 14.26 -0.05 -22.25
CA GLN I 62 14.03 -1.28 -21.49
C GLN I 62 13.60 -1.01 -20.05
N GLY I 63 12.50 -0.29 -19.88
CA GLY I 63 11.85 -0.13 -18.58
C GLY I 63 12.61 0.75 -17.60
N LYS I 64 13.71 1.36 -18.04
CA LYS I 64 14.45 2.38 -17.32
C LYS I 64 14.27 3.72 -18.02
N CYS I 65 14.39 4.82 -17.24
CA CYS I 65 14.34 6.16 -17.80
C CYS I 65 15.64 6.88 -17.54
N TYR I 66 16.07 7.63 -18.55
CA TYR I 66 17.39 8.23 -18.57
C TYR I 66 17.22 9.72 -18.78
N TRP I 67 18.04 10.51 -18.08
CA TRP I 67 18.13 11.94 -18.27
C TRP I 67 19.59 12.34 -18.46
N PHE I 68 19.87 12.96 -19.62
CA PHE I 68 21.21 13.38 -20.01
C PHE I 68 21.35 14.88 -19.84
N SER I 69 22.34 15.34 -19.07
CA SER I 69 22.36 16.75 -18.63
C SER I 69 22.92 17.65 -19.70
N ASN I 70 22.60 18.95 -19.59
CA ASN I 70 23.25 19.95 -20.41
C ASN I 70 24.27 20.71 -19.60
N GLU I 71 23.90 21.03 -18.35
CA GLU I 71 24.82 21.63 -17.38
C GLU I 71 25.87 20.59 -16.97
N MET I 72 26.93 21.07 -16.32
CA MET I 72 28.00 20.27 -15.74
C MET I 72 28.19 20.55 -14.26
N LYS I 73 28.62 19.54 -13.47
CA LYS I 73 28.87 19.72 -12.04
C LYS I 73 29.75 18.61 -11.47
N SER I 74 30.18 18.82 -10.21
CA SER I 74 30.93 17.82 -9.50
C SER I 74 30.09 16.56 -9.37
N TRP I 75 30.78 15.42 -9.21
CA TRP I 75 30.11 14.16 -9.06
C TRP I 75 29.08 14.23 -7.92
N SER I 76 29.47 14.70 -6.72
CA SER I 76 28.56 14.89 -5.59
C SER I 76 27.36 15.75 -5.95
N ASP I 77 27.61 16.87 -6.63
CA ASP I 77 26.54 17.80 -6.99
C ASP I 77 25.57 17.13 -7.98
N SER I 78 26.14 16.35 -8.92
CA SER I 78 25.38 15.58 -9.90
C SER I 78 24.52 14.57 -9.19
N TYR I 79 25.12 13.82 -8.29
CA TYR I 79 24.43 12.84 -7.49
C TYR I 79 23.27 13.45 -6.71
N VAL I 80 23.49 14.65 -6.14
CA VAL I 80 22.42 15.28 -5.41
C VAL I 80 21.28 15.55 -6.37
N TYR I 81 21.61 16.04 -7.57
CA TYR I 81 20.67 16.38 -8.62
C TYR I 81 19.76 15.21 -8.89
N CYS I 82 20.37 14.02 -9.07
CA CYS I 82 19.60 12.82 -9.35
C CYS I 82 18.73 12.44 -8.16
N LEU I 83 19.32 12.44 -6.96
CA LEU I 83 18.64 11.99 -5.75
C LEU I 83 17.40 12.83 -5.51
N GLU I 84 17.54 14.14 -5.64
CA GLU I 84 16.43 15.06 -5.41
C GLU I 84 15.28 14.78 -6.37
N ARG I 85 15.61 14.23 -7.55
CA ARG I 85 14.66 13.92 -8.58
C ARG I 85 14.20 12.44 -8.52
N LYS I 86 14.29 11.83 -7.34
CA LYS I 86 13.95 10.44 -7.08
C LYS I 86 14.62 9.53 -8.14
N SER I 87 15.91 9.72 -8.43
CA SER I 87 16.65 8.83 -9.34
C SER I 87 18.10 8.74 -8.88
N HIS I 88 19.00 8.14 -9.68
CA HIS I 88 20.41 8.06 -9.30
C HIS I 88 21.28 8.24 -10.54
N LEU I 89 22.58 8.40 -10.36
CA LEU I 89 23.51 8.41 -11.46
C LEU I 89 23.52 7.03 -12.11
N LEU I 90 23.74 7.04 -13.42
CA LEU I 90 23.57 5.96 -14.38
C LEU I 90 24.37 4.75 -13.93
N ILE I 91 23.70 3.61 -13.80
CA ILE I 91 24.31 2.31 -13.56
C ILE I 91 24.18 1.51 -14.85
N ILE I 92 25.32 1.10 -15.41
CA ILE I 92 25.29 0.34 -16.64
C ILE I 92 25.25 -1.16 -16.35
N HIS I 93 24.14 -1.79 -16.70
CA HIS I 93 23.84 -3.19 -16.38
C HIS I 93 24.57 -4.14 -17.34
N ASP I 94 24.71 -3.76 -18.62
CA ASP I 94 25.21 -4.62 -19.69
C ASP I 94 25.69 -3.82 -20.90
N GLN I 95 26.21 -4.54 -21.89
CA GLN I 95 26.84 -3.98 -23.07
C GLN I 95 25.80 -3.25 -23.91
N LEU I 96 24.56 -3.80 -23.95
CA LEU I 96 23.51 -3.28 -24.82
C LEU I 96 23.04 -1.91 -24.32
N GLU I 97 22.94 -1.75 -22.99
CA GLU I 97 22.64 -0.50 -22.31
C GLU I 97 23.77 0.50 -22.55
N MET I 98 25.02 0.01 -22.58
CA MET I 98 26.16 0.83 -22.93
C MET I 98 25.93 1.48 -24.31
N ALA I 99 25.56 0.64 -25.29
CA ALA I 99 25.22 1.01 -26.66
C ALA I 99 24.20 2.13 -26.72
N PHE I 100 23.11 1.98 -25.95
CA PHE I 100 22.02 2.95 -25.86
C PHE I 100 22.56 4.30 -25.40
N ILE I 101 23.34 4.32 -24.32
CA ILE I 101 23.94 5.54 -23.77
C ILE I 101 24.81 6.21 -24.84
N GLN I 102 25.63 5.41 -25.52
CA GLN I 102 26.58 5.84 -26.53
C GLN I 102 25.89 6.54 -27.68
N LYS I 103 24.73 6.02 -28.13
CA LYS I 103 23.93 6.63 -29.19
C LYS I 103 23.47 8.04 -28.79
N ASN I 104 23.35 8.36 -27.49
CA ASN I 104 22.79 9.64 -27.07
C ASN I 104 23.84 10.64 -26.56
N LEU I 105 25.12 10.34 -26.81
CA LEU I 105 26.24 11.13 -26.35
C LEU I 105 27.07 11.63 -27.51
N ARG I 106 27.31 12.94 -27.52
CA ARG I 106 28.39 13.56 -28.28
C ARG I 106 29.71 13.13 -27.64
N GLN I 107 30.57 12.59 -28.50
CA GLN I 107 31.97 12.26 -28.21
C GLN I 107 32.70 13.50 -27.69
N LEU I 108 33.89 13.24 -27.10
CA LEU I 108 34.78 14.27 -26.59
C LEU I 108 34.12 15.00 -25.42
N ASN I 109 33.42 14.21 -24.60
CA ASN I 109 32.68 14.78 -23.47
C ASN I 109 32.72 13.80 -22.32
N TYR I 110 33.36 14.20 -21.22
CA TYR I 110 33.28 13.46 -19.98
C TYR I 110 31.87 13.57 -19.41
N VAL I 111 31.33 12.39 -19.02
CA VAL I 111 30.00 12.28 -18.46
C VAL I 111 30.03 11.40 -17.21
N TRP I 112 29.72 11.99 -16.05
CA TRP I 112 29.68 11.32 -14.77
C TRP I 112 28.68 10.19 -14.82
N ILE I 113 29.08 9.07 -14.23
CA ILE I 113 28.24 7.90 -14.12
C ILE I 113 28.16 7.48 -12.63
N GLY I 114 27.22 6.63 -12.24
CA GLY I 114 27.07 6.26 -10.83
C GLY I 114 28.06 5.20 -10.34
N LEU I 115 29.37 5.46 -10.44
CA LEU I 115 30.41 4.51 -10.07
C LEU I 115 31.54 5.28 -9.41
N ASN I 116 32.06 4.78 -8.28
CA ASN I 116 33.11 5.51 -7.58
C ASN I 116 33.97 4.55 -6.76
N PHE I 117 35.11 5.07 -6.29
CA PHE I 117 36.05 4.24 -5.55
C PHE I 117 35.82 4.42 -4.05
N THR I 118 35.27 3.37 -3.43
CA THR I 118 34.93 3.29 -2.01
C THR I 118 36.17 3.54 -1.14
N SER I 119 37.12 2.60 -1.19
CA SER I 119 38.27 2.56 -0.29
C SER I 119 37.85 2.33 1.16
N LEU I 120 36.75 1.59 1.33
CA LEU I 120 36.56 0.88 2.58
C LEU I 120 36.66 -0.60 2.23
N LYS I 121 35.89 -1.01 1.20
CA LYS I 121 36.06 -2.34 0.60
C LYS I 121 37.09 -2.30 -0.53
N MET I 122 37.58 -1.09 -0.86
CA MET I 122 38.81 -0.84 -1.62
C MET I 122 38.67 -1.38 -3.04
N THR I 123 37.45 -1.33 -3.56
CA THR I 123 37.12 -1.63 -4.95
C THR I 123 36.16 -0.57 -5.46
N TRP I 124 36.00 -0.50 -6.77
CA TRP I 124 34.94 0.32 -7.32
C TRP I 124 33.60 -0.37 -7.10
N THR I 125 32.66 0.38 -6.52
CA THR I 125 31.27 -0.03 -6.44
C THR I 125 30.39 0.99 -7.18
N TRP I 126 29.38 0.45 -7.86
CA TRP I 126 28.26 1.21 -8.37
C TRP I 126 27.50 1.79 -7.18
N VAL I 127 26.69 2.78 -7.50
CA VAL I 127 25.87 3.53 -6.58
C VAL I 127 24.78 2.64 -5.95
N ASP I 128 24.41 1.53 -6.60
CA ASP I 128 23.59 0.49 -5.99
C ASP I 128 24.27 -0.21 -4.81
N GLY I 129 25.61 -0.27 -4.80
CA GLY I 129 26.37 -1.02 -3.81
C GLY I 129 26.93 -2.34 -4.34
N SER I 130 26.62 -2.66 -5.59
CA SER I 130 27.24 -3.82 -6.21
C SER I 130 28.58 -3.40 -6.77
N PRO I 131 29.65 -4.19 -6.50
CA PRO I 131 30.96 -3.95 -7.12
C PRO I 131 30.94 -4.31 -8.61
N ILE I 132 31.89 -3.80 -9.40
CA ILE I 132 31.83 -3.89 -10.86
C ILE I 132 32.06 -5.30 -11.38
N ASP I 133 31.40 -5.63 -12.49
CA ASP I 133 31.59 -6.87 -13.23
C ASP I 133 32.81 -6.77 -14.15
N SER I 134 33.91 -7.48 -13.78
CA SER I 134 35.20 -7.47 -14.46
C SER I 134 35.13 -8.09 -15.85
N LYS I 135 34.03 -8.84 -16.12
CA LYS I 135 33.63 -9.34 -17.43
C LYS I 135 33.18 -8.19 -18.32
N ILE I 136 32.09 -7.48 -17.97
CA ILE I 136 31.50 -6.43 -18.78
C ILE I 136 32.46 -5.22 -18.90
N PHE I 137 33.13 -4.79 -17.80
CA PHE I 137 33.80 -3.48 -17.75
C PHE I 137 35.25 -3.63 -17.27
N PHE I 138 36.16 -2.76 -17.75
CA PHE I 138 37.30 -2.29 -16.96
C PHE I 138 37.25 -0.77 -16.91
N ILE I 139 38.01 -0.13 -16.02
CA ILE I 139 38.17 1.32 -15.91
C ILE I 139 39.63 1.70 -16.16
N LYS I 140 39.86 2.70 -17.02
CA LYS I 140 41.19 3.28 -17.21
C LYS I 140 41.41 4.38 -16.17
N GLY I 141 42.56 4.34 -15.49
CA GLY I 141 42.99 5.44 -14.63
C GLY I 141 43.18 5.00 -13.19
N PRO I 142 43.74 5.87 -12.30
CA PRO I 142 44.06 5.49 -10.91
C PRO I 142 42.87 5.16 -10.01
N ALA I 143 43.03 4.17 -9.14
CA ALA I 143 42.05 3.86 -8.12
C ALA I 143 42.50 4.51 -6.80
N LYS I 144 42.44 5.83 -6.74
CA LYS I 144 42.64 6.61 -5.52
C LYS I 144 41.28 6.77 -4.82
N GLU I 145 41.27 7.25 -3.59
CA GLU I 145 40.06 7.80 -3.00
C GLU I 145 39.79 9.12 -3.68
N ASN I 146 38.51 9.52 -3.66
CA ASN I 146 38.05 10.66 -4.45
C ASN I 146 38.30 10.41 -5.93
N SER I 147 38.14 9.15 -6.34
CA SER I 147 38.03 8.77 -7.73
C SER I 147 36.60 8.33 -7.99
N CYS I 148 36.01 8.94 -9.03
CA CYS I 148 34.70 8.68 -9.58
C CYS I 148 34.84 8.37 -11.07
N ALA I 149 33.88 7.63 -11.63
CA ALA I 149 33.94 7.18 -13.01
C ALA I 149 33.18 8.13 -13.93
N ALA I 150 33.69 8.26 -15.17
CA ALA I 150 33.06 9.06 -16.21
C ALA I 150 33.20 8.35 -17.56
N ILE I 151 32.17 8.47 -18.42
CA ILE I 151 32.18 7.92 -19.76
C ILE I 151 32.71 9.01 -20.68
N LYS I 152 33.54 8.53 -21.61
CA LYS I 152 34.08 9.27 -22.73
C LYS I 152 34.32 8.19 -23.81
N GLU I 153 33.96 8.50 -25.06
CA GLU I 153 33.98 7.54 -26.15
C GLU I 153 33.13 6.37 -25.68
N SER I 154 33.68 5.17 -25.61
CA SER I 154 32.92 4.07 -25.03
C SER I 154 33.64 3.48 -23.81
N LYS I 155 34.46 4.30 -23.15
CA LYS I 155 35.32 3.85 -22.06
C LYS I 155 34.87 4.53 -20.76
N ILE I 156 35.22 3.89 -19.66
CA ILE I 156 35.06 4.48 -18.35
C ILE I 156 36.45 4.89 -17.85
N PHE I 157 36.54 6.17 -17.44
CA PHE I 157 37.75 6.75 -16.89
C PHE I 157 37.56 7.11 -15.43
N SER I 158 38.61 6.83 -14.64
CA SER I 158 38.74 7.38 -13.29
C SER I 158 39.12 8.86 -13.41
N GLU I 159 38.29 9.70 -12.79
CA GLU I 159 38.55 11.13 -12.64
C GLU I 159 38.31 11.55 -11.20
N THR I 160 38.79 12.75 -10.82
CA THR I 160 38.60 13.20 -9.46
C THR I 160 37.21 13.78 -9.28
N CYS I 161 36.67 13.63 -8.06
CA CYS I 161 35.24 13.74 -7.80
C CYS I 161 34.78 15.20 -7.88
N SER I 162 35.76 16.10 -7.91
CA SER I 162 35.54 17.52 -7.82
C SER I 162 35.55 18.16 -9.21
N SER I 163 35.98 17.42 -10.24
CA SER I 163 35.89 17.93 -11.61
C SER I 163 34.44 17.91 -12.10
N VAL I 164 34.17 18.76 -13.09
CA VAL I 164 32.83 19.29 -13.35
C VAL I 164 32.34 18.90 -14.73
N PHE I 165 31.58 17.82 -14.80
CA PHE I 165 31.20 17.24 -16.07
C PHE I 165 29.68 17.22 -16.20
N LYS I 166 29.17 16.99 -17.43
CA LYS I 166 27.81 16.51 -17.64
C LYS I 166 27.63 15.16 -16.92
N TRP I 167 26.37 14.78 -16.65
CA TRP I 167 26.06 13.52 -15.99
C TRP I 167 24.77 12.92 -16.56
N ILE I 168 24.50 11.65 -16.23
CA ILE I 168 23.26 10.97 -16.60
C ILE I 168 22.54 10.48 -15.35
N CYS I 169 21.23 10.80 -15.25
CA CYS I 169 20.32 10.25 -14.25
C CYS I 169 19.57 9.06 -14.83
N GLN I 170 19.18 8.12 -13.95
CA GLN I 170 18.51 6.88 -14.35
C GLN I 170 17.53 6.49 -13.24
N TYR I 171 16.38 5.90 -13.63
CA TYR I 171 15.50 5.24 -12.67
C TYR I 171 14.70 4.14 -13.36
N GLY I 172 14.29 3.13 -12.58
CA GLY I 172 13.58 1.95 -13.08
C GLY I 172 12.10 1.99 -12.70
N THR I 173 11.32 0.93 -12.98
CA THR I 173 9.86 1.03 -12.85
C THR I 173 9.15 -0.05 -11.99
N VAL J 52 6.49 4.81 17.69
CA VAL J 52 7.14 4.50 16.39
C VAL J 52 8.64 4.83 16.38
N LEU J 53 9.46 3.77 16.33
CA LEU J 53 10.88 3.75 16.71
C LEU J 53 11.78 4.51 15.72
N CYS J 54 12.72 5.33 16.20
CA CYS J 54 13.75 5.89 15.32
C CYS J 54 14.83 4.88 15.00
N GLN J 55 15.47 4.99 13.81
CA GLN J 55 16.68 4.23 13.40
C GLN J 55 17.62 4.22 14.60
N SER J 56 18.29 3.09 14.83
CA SER J 56 19.00 3.03 16.09
C SER J 56 20.09 4.11 16.11
N GLU J 57 20.35 4.70 17.29
CA GLU J 57 21.37 5.72 17.45
C GLU J 57 20.88 7.07 16.90
N TRP J 58 19.58 7.25 16.63
CA TRP J 58 19.05 8.59 16.36
C TRP J 58 18.29 9.06 17.60
N LEU J 59 18.21 10.39 17.81
CA LEU J 59 17.37 10.96 18.85
C LEU J 59 15.96 11.25 18.37
N LYS J 60 15.00 11.01 19.25
CA LYS J 60 13.63 11.28 18.90
C LYS J 60 13.20 12.51 19.66
N TYR J 61 12.57 13.46 18.95
CA TYR J 61 11.98 14.62 19.58
C TYR J 61 10.73 14.99 18.81
N GLN J 62 9.59 14.94 19.53
CA GLN J 62 8.28 15.24 18.98
C GLN J 62 8.09 14.60 17.60
N GLY J 63 8.25 13.27 17.56
CA GLY J 63 7.95 12.47 16.40
C GLY J 63 8.83 12.69 15.16
N LYS J 64 9.89 13.46 15.33
CA LYS J 64 10.98 13.57 14.36
C LYS J 64 12.22 12.89 14.95
N CYS J 65 13.09 12.41 14.06
CA CYS J 65 14.34 11.77 14.47
C CYS J 65 15.52 12.53 13.92
N TYR J 66 16.53 12.68 14.79
CA TYR J 66 17.65 13.55 14.53
C TYR J 66 18.90 12.72 14.63
N TRP J 67 19.84 13.01 13.72
CA TRP J 67 21.17 12.44 13.74
C TRP J 67 22.19 13.56 13.65
N PHE J 68 23.05 13.66 14.69
CA PHE J 68 24.05 14.71 14.79
C PHE J 68 25.40 14.10 14.46
N SER J 69 26.12 14.68 13.49
CA SER J 69 27.29 14.02 12.94
C SER J 69 28.49 14.23 13.82
N ASN J 70 29.47 13.29 13.67
CA ASN J 70 30.74 13.51 14.35
C ASN J 70 31.76 13.97 13.33
N GLU J 71 31.74 13.35 12.16
CA GLU J 71 32.56 13.73 11.01
C GLU J 71 32.04 15.07 10.46
N MET J 72 32.84 15.70 9.60
CA MET J 72 32.54 16.96 8.94
C MET J 72 32.64 16.85 7.42
N LYS J 73 31.83 17.64 6.68
CA LYS J 73 31.87 17.65 5.22
C LYS J 73 31.23 18.89 4.63
N SER J 74 31.43 19.05 3.31
CA SER J 74 30.78 20.12 2.57
C SER J 74 29.26 19.98 2.70
N TRP J 75 28.58 21.12 2.54
CA TRP J 75 27.14 21.12 2.61
C TRP J 75 26.53 20.09 1.66
N SER J 76 26.95 20.10 0.37
CA SER J 76 26.50 19.11 -0.61
C SER J 76 26.72 17.66 -0.15
N ASP J 77 27.93 17.38 0.38
CA ASP J 77 28.29 16.04 0.80
C ASP J 77 27.43 15.62 1.99
N SER J 78 27.16 16.57 2.89
CA SER J 78 26.30 16.38 4.05
C SER J 78 24.91 16.02 3.59
N TYR J 79 24.39 16.84 2.66
CA TYR J 79 23.08 16.62 2.09
C TYR J 79 22.96 15.23 1.46
N VAL J 80 24.02 14.81 0.73
CA VAL J 80 23.97 13.50 0.12
C VAL J 80 23.82 12.44 1.21
N TYR J 81 24.61 12.61 2.28
CA TYR J 81 24.64 11.70 3.40
C TYR J 81 23.23 11.51 3.95
N CYS J 82 22.51 12.62 4.15
CA CYS J 82 21.17 12.53 4.68
C CYS J 82 20.23 11.85 3.69
N LEU J 83 20.30 12.25 2.41
CA LEU J 83 19.39 11.75 1.39
C LEU J 83 19.51 10.25 1.30
N GLU J 84 20.75 9.76 1.25
CA GLU J 84 21.00 8.33 1.11
C GLU J 84 20.41 7.54 2.27
N ARG J 85 20.27 8.20 3.42
CA ARG J 85 19.74 7.60 4.63
C ARG J 85 18.26 7.89 4.79
N LYS J 86 17.56 8.19 3.68
CA LYS J 86 16.14 8.50 3.63
C LYS J 86 15.83 9.60 4.63
N SER J 87 16.61 10.68 4.68
CA SER J 87 16.33 11.83 5.55
C SER J 87 16.83 13.11 4.87
N HIS J 88 16.85 14.26 5.57
CA HIS J 88 17.36 15.49 4.96
C HIS J 88 18.12 16.29 6.02
N LEU J 89 18.83 17.34 5.57
CA LEU J 89 19.43 18.28 6.52
C LEU J 89 18.33 18.98 7.32
N LEU J 90 18.66 19.29 8.58
CA LEU J 90 17.75 19.70 9.64
C LEU J 90 17.01 20.96 9.21
N ILE J 91 15.68 20.89 9.28
CA ILE J 91 14.80 22.03 9.09
C ILE J 91 14.21 22.38 10.45
N ILE J 92 14.43 23.61 10.89
CA ILE J 92 13.89 24.04 12.17
C ILE J 92 12.51 24.67 12.00
N HIS J 93 11.51 23.98 12.57
CA HIS J 93 10.10 24.31 12.41
C HIS J 93 9.70 25.47 13.30
N ASP J 94 10.24 25.53 14.53
CA ASP J 94 9.83 26.47 15.57
C ASP J 94 10.89 26.67 16.64
N GLN J 95 10.59 27.56 17.58
CA GLN J 95 11.51 27.95 18.63
C GLN J 95 11.81 26.80 19.56
N LEU J 96 10.80 25.97 19.83
CA LEU J 96 10.92 24.89 20.79
C LEU J 96 11.89 23.81 20.28
N GLU J 97 11.80 23.51 18.96
CA GLU J 97 12.69 22.63 18.23
C GLU J 97 14.10 23.21 18.23
N MET J 98 14.19 24.55 18.11
CA MET J 98 15.47 25.24 18.22
C MET J 98 16.15 24.89 19.54
N ALA J 99 15.39 25.00 20.63
CA ALA J 99 15.76 24.67 22.01
C ALA J 99 16.37 23.27 22.09
N PHE J 100 15.66 22.28 21.52
CA PHE J 100 16.08 20.89 21.52
C PHE J 100 17.43 20.73 20.82
N ILE J 101 17.57 21.33 19.61
CA ILE J 101 18.80 21.30 18.83
C ILE J 101 19.96 21.84 19.67
N GLN J 102 19.73 22.99 20.31
CA GLN J 102 20.74 23.71 21.06
C GLN J 102 21.24 22.89 22.23
N LYS J 103 20.38 22.14 22.92
CA LYS J 103 20.76 21.22 23.98
C LYS J 103 21.76 20.16 23.50
N ASN J 104 21.76 19.80 22.21
CA ASN J 104 22.58 18.69 21.71
C ASN J 104 23.78 19.17 20.89
N LEU J 105 24.06 20.47 20.94
CA LEU J 105 25.13 21.08 20.18
C LEU J 105 26.13 21.76 21.13
N ARG J 106 27.40 21.46 20.91
CA ARG J 106 28.48 22.31 21.41
C ARG J 106 28.44 23.59 20.58
N GLN J 107 28.29 24.73 21.29
CA GLN J 107 28.51 26.04 20.67
C GLN J 107 29.97 26.12 20.26
N LEU J 108 30.38 27.12 19.49
CA LEU J 108 31.78 27.26 19.06
C LEU J 108 32.10 26.14 18.07
N ASN J 109 31.12 25.77 17.27
CA ASN J 109 31.19 24.66 16.33
C ASN J 109 30.15 24.88 15.27
N TYR J 110 30.62 25.09 14.03
CA TYR J 110 29.70 25.25 12.91
C TYR J 110 29.05 23.90 12.57
N VAL J 111 27.72 23.94 12.41
CA VAL J 111 26.90 22.78 12.09
C VAL J 111 25.96 23.16 10.94
N TRP J 112 26.18 22.48 9.80
CA TRP J 112 25.37 22.65 8.61
C TRP J 112 23.94 22.29 8.94
N ILE J 113 23.04 23.10 8.39
CA ILE J 113 21.60 22.91 8.54
C ILE J 113 20.97 22.90 7.13
N GLY J 114 19.71 22.43 7.00
CA GLY J 114 19.10 22.37 5.68
C GLY J 114 18.57 23.70 5.14
N LEU J 115 19.43 24.68 4.94
CA LEU J 115 19.03 26.02 4.55
C LEU J 115 20.11 26.58 3.64
N ASN J 116 19.73 27.21 2.54
CA ASN J 116 20.72 27.73 1.61
C ASN J 116 20.14 28.89 0.81
N PHE J 117 21.03 29.60 0.12
CA PHE J 117 20.66 30.75 -0.68
C PHE J 117 20.49 30.31 -2.12
N THR J 118 19.22 30.26 -2.54
CA THR J 118 18.77 29.79 -3.85
C THR J 118 19.40 30.64 -4.95
N SER J 119 19.02 31.93 -4.98
CA SER J 119 19.34 32.85 -6.06
C SER J 119 18.69 32.42 -7.37
N LEU J 120 17.52 31.79 -7.27
CA LEU J 120 16.57 31.82 -8.37
C LEU J 120 15.38 32.61 -7.86
N LYS J 121 14.88 32.22 -6.67
CA LYS J 121 13.91 32.99 -5.89
C LYS J 121 14.59 34.06 -5.04
N MET J 122 15.94 33.99 -4.96
CA MET J 122 16.82 35.04 -4.46
C MET J 122 16.50 35.35 -3.00
N THR J 123 16.09 34.32 -2.26
CA THR J 123 15.92 34.37 -0.81
C THR J 123 16.49 33.08 -0.25
N TRP J 124 16.69 33.04 1.06
CA TRP J 124 17.00 31.77 1.70
C TRP J 124 15.75 30.92 1.76
N THR J 125 15.86 29.70 1.26
CA THR J 125 14.85 28.68 1.43
C THR J 125 15.46 27.47 2.16
N TRP J 126 14.63 26.90 3.05
CA TRP J 126 14.87 25.59 3.62
C TRP J 126 14.83 24.57 2.49
N VAL J 127 15.40 23.41 2.80
CA VAL J 127 15.51 22.26 1.95
C VAL J 127 14.12 21.69 1.53
N ASP J 128 13.10 21.92 2.38
CA ASP J 128 11.67 21.81 2.16
C ASP J 128 11.21 22.51 0.89
N GLY J 129 11.77 23.71 0.64
CA GLY J 129 11.32 24.66 -0.37
C GLY J 129 10.52 25.83 0.22
N SER J 130 10.28 25.79 1.53
CA SER J 130 9.63 26.91 2.19
C SER J 130 10.69 27.94 2.51
N PRO J 131 10.44 29.24 2.17
CA PRO J 131 11.39 30.31 2.48
C PRO J 131 11.37 30.61 3.98
N ILE J 132 12.44 31.27 4.51
CA ILE J 132 12.55 31.45 5.96
C ILE J 132 11.59 32.53 6.43
N ASP J 133 11.11 32.37 7.67
CA ASP J 133 10.37 33.41 8.39
C ASP J 133 11.36 34.41 9.03
N SER J 134 11.45 35.63 8.48
CA SER J 134 12.35 36.70 8.89
C SER J 134 12.01 37.24 10.29
N LYS J 135 10.80 36.92 10.79
CA LYS J 135 10.38 37.05 12.18
C LYS J 135 11.13 36.08 13.09
N ILE J 136 10.91 34.77 12.93
CA ILE J 136 11.46 33.71 13.78
C ILE J 136 13.01 33.66 13.69
N PHE J 137 13.59 33.78 12.49
CA PHE J 137 15.03 33.53 12.28
C PHE J 137 15.70 34.74 11.63
N PHE J 138 16.92 35.03 12.08
CA PHE J 138 17.78 36.00 11.43
C PHE J 138 19.09 35.33 11.06
N ILE J 139 19.63 35.61 9.86
CA ILE J 139 20.91 35.05 9.44
C ILE J 139 21.97 36.14 9.38
N LYS J 140 23.10 35.93 10.08
CA LYS J 140 24.26 36.80 9.98
C LYS J 140 25.12 36.35 8.79
N GLY J 141 25.49 37.31 7.94
CA GLY J 141 26.46 37.09 6.88
C GLY J 141 25.86 37.38 5.51
N PRO J 142 26.68 37.40 4.42
CA PRO J 142 26.20 37.72 3.06
C PRO J 142 25.21 36.70 2.47
N ALA J 143 24.26 37.22 1.70
CA ALA J 143 23.39 36.41 0.88
C ALA J 143 23.94 36.37 -0.55
N LYS J 144 25.09 35.72 -0.74
CA LYS J 144 25.69 35.45 -2.04
C LYS J 144 25.16 34.11 -2.54
N GLU J 145 25.46 33.80 -3.82
CA GLU J 145 25.34 32.42 -4.29
C GLU J 145 26.44 31.60 -3.65
N ASN J 146 26.20 30.30 -3.56
CA ASN J 146 27.05 29.38 -2.81
C ASN J 146 27.11 29.82 -1.35
N SER J 147 25.98 30.31 -0.83
CA SER J 147 25.82 30.51 0.60
C SER J 147 24.85 29.48 1.17
N CYS J 148 25.30 28.77 2.20
CA CYS J 148 24.56 27.78 2.98
C CYS J 148 24.60 28.16 4.45
N ALA J 149 23.61 27.72 5.23
CA ALA J 149 23.46 28.13 6.61
C ALA J 149 24.09 27.12 7.56
N ALA J 150 24.67 27.65 8.65
CA ALA J 150 25.24 26.84 9.72
C ALA J 150 24.88 27.43 11.08
N ILE J 151 24.64 26.58 12.09
CA ILE J 151 24.48 27.03 13.46
C ILE J 151 25.86 27.06 14.12
N LYS J 152 26.13 28.13 14.87
CA LYS J 152 27.32 28.38 15.65
C LYS J 152 26.92 29.37 16.75
N GLU J 153 27.46 29.25 17.96
CA GLU J 153 26.86 29.69 19.20
C GLU J 153 25.39 29.28 19.17
N SER J 154 24.49 30.24 19.22
CA SER J 154 23.09 29.87 19.00
C SER J 154 22.51 30.60 17.79
N LYS J 155 23.38 31.07 16.88
CA LYS J 155 23.03 31.92 15.78
C LYS J 155 23.16 31.18 14.45
N ILE J 156 22.49 31.69 13.40
CA ILE J 156 22.61 31.11 12.08
C ILE J 156 23.52 31.99 11.23
N PHE J 157 24.54 31.38 10.64
CA PHE J 157 25.52 32.08 9.82
C PHE J 157 25.44 31.60 8.39
N SER J 158 25.57 32.57 7.47
CA SER J 158 25.91 32.30 6.09
C SER J 158 27.38 31.93 6.01
N GLU J 159 27.63 30.75 5.44
CA GLU J 159 28.96 30.29 5.11
C GLU J 159 28.99 29.78 3.68
N THR J 160 30.17 29.60 3.10
CA THR J 160 30.26 29.08 1.76
C THR J 160 30.11 27.55 1.77
N CYS J 161 29.55 27.02 0.69
CA CYS J 161 28.97 25.70 0.66
C CYS J 161 30.05 24.62 0.65
N SER J 162 31.29 25.06 0.44
CA SER J 162 32.43 24.18 0.28
C SER J 162 33.19 23.98 1.59
N SER J 163 32.89 24.83 2.61
CA SER J 163 33.47 24.63 3.93
C SER J 163 32.87 23.42 4.63
N VAL J 164 33.61 22.86 5.57
CA VAL J 164 33.53 21.45 5.94
C VAL J 164 33.18 21.32 7.42
N PHE J 165 31.89 21.16 7.70
CA PHE J 165 31.40 21.23 9.06
C PHE J 165 30.71 19.93 9.42
N LYS J 166 30.47 19.71 10.71
CA LYS J 166 29.47 18.78 11.19
C LYS J 166 28.09 19.20 10.64
N TRP J 167 27.14 18.25 10.59
CA TRP J 167 25.79 18.51 10.12
C TRP J 167 24.77 17.71 10.93
N ILE J 168 23.47 18.03 10.77
CA ILE J 168 22.38 17.27 11.40
C ILE J 168 21.42 16.74 10.33
N CYS J 169 21.08 15.45 10.39
CA CYS J 169 20.02 14.80 9.62
C CYS J 169 18.73 14.76 10.44
N GLN J 170 17.60 14.85 9.75
CA GLN J 170 16.28 14.81 10.36
C GLN J 170 15.32 14.04 9.45
N TYR J 171 14.37 13.31 10.06
CA TYR J 171 13.23 12.75 9.33
C TYR J 171 12.01 12.62 10.25
N GLY J 172 10.81 12.65 9.65
CA GLY J 172 9.56 12.56 10.41
C GLY J 172 8.93 11.18 10.35
N THR J 173 8.00 10.91 11.28
CA THR J 173 7.38 9.60 11.42
C THR J 173 6.08 9.54 10.57
N HIS J 174 6.02 10.26 9.43
CA HIS J 174 4.83 10.49 8.61
C HIS J 174 4.27 9.15 8.11
#